data_3Q37
#
_entry.id   3Q37
#
_cell.length_a   83.594
_cell.length_b   77.258
_cell.length_c   85.387
_cell.angle_alpha   90.00
_cell.angle_beta   116.60
_cell.angle_gamma   90.00
#
_symmetry.space_group_name_H-M   'P 1 21 1'
#
loop_
_entity.id
_entity.type
_entity.pdbx_description
1 polymer 'TIM from Trypanosoma cruzi/ TIM from Trypanosoma brucei brucei chimera protein'
2 water water
#
_entity_poly.entity_id   1
_entity_poly.type   'polypeptide(L)'
_entity_poly.pdbx_seq_one_letter_code
;MASKPQPIAAANWKCNGSQQSLSELIDLFNSTSINHDVQCVVAPTFLHIPMTKARLTNPKFQIAAQNAITRSGAFTGEVS
LQILKDYGISWVVLGHSERRAYYGETNEIVADKVAAAVASGFHVIVCVGETNEEREAGRTAAVVLTQLAAVAQKLSKEAW
SRVVIAYEPVWAIGTGKVATPQQAQEVHELLRRWVRSKLGTDIAAQLRILYGGSVTAKNARTLYQMRDINGFLVGGASLK
PEFVEIIEATK
;
_entity_poly.pdbx_strand_id   A,B,C,D
#
# COMPACT_ATOMS: atom_id res chain seq x y z
N LYS A 4 -3.32 -26.46 -35.65
CA LYS A 4 -2.70 -25.29 -35.06
C LYS A 4 -3.59 -24.70 -33.97
N PRO A 5 -2.97 -24.11 -32.94
CA PRO A 5 -3.74 -23.41 -31.91
C PRO A 5 -4.29 -22.07 -32.43
N GLN A 6 -5.10 -21.40 -31.62
CA GLN A 6 -5.66 -20.09 -32.00
C GLN A 6 -4.53 -19.14 -32.32
N PRO A 7 -4.55 -18.53 -33.52
CA PRO A 7 -3.47 -17.59 -33.85
C PRO A 7 -3.58 -16.26 -33.12
N ILE A 8 -2.47 -15.53 -33.06
CA ILE A 8 -2.43 -14.20 -32.49
C ILE A 8 -1.86 -13.22 -33.52
N ALA A 9 -2.53 -12.10 -33.72
CA ALA A 9 -1.97 -11.00 -34.51
C ALA A 9 -1.72 -9.83 -33.56
N ALA A 10 -0.45 -9.54 -33.29
CA ALA A 10 -0.07 -8.56 -32.28
C ALA A 10 0.62 -7.37 -32.92
N ALA A 11 0.22 -6.16 -32.50
CA ALA A 11 0.79 -4.93 -33.04
C ALA A 11 1.70 -4.31 -32.01
N ASN A 12 3.00 -4.34 -32.24
CA ASN A 12 3.94 -3.63 -31.38
C ASN A 12 4.20 -2.23 -31.95
N TRP A 13 3.54 -1.24 -31.38
CA TRP A 13 3.68 0.13 -31.85
C TRP A 13 5.05 0.73 -31.46
N LYS A 14 5.78 0.03 -30.60
CA LYS A 14 7.08 0.50 -30.10
C LYS A 14 6.97 1.95 -29.62
N CYS A 15 8.04 2.73 -29.78
CA CYS A 15 8.04 4.07 -29.23
C CYS A 15 7.59 5.04 -30.30
N ASN A 16 6.30 4.96 -30.64
CA ASN A 16 5.73 5.78 -31.69
C ASN A 16 4.29 6.18 -31.41
N GLY A 17 3.86 7.23 -32.09
CA GLY A 17 2.46 7.59 -32.10
C GLY A 17 2.20 8.96 -31.53
N SER A 18 1.15 9.59 -32.04
CA SER A 18 0.64 10.83 -31.47
C SER A 18 -0.82 10.59 -31.17
N GLN A 19 -1.44 11.47 -30.40
CA GLN A 19 -2.84 11.29 -30.05
C GLN A 19 -3.70 11.26 -31.31
N GLN A 20 -3.38 12.13 -32.26
CA GLN A 20 -4.13 12.17 -33.51
C GLN A 20 -3.91 10.94 -34.36
N SER A 21 -2.65 10.54 -34.55
CA SER A 21 -2.36 9.43 -35.46
C SER A 21 -2.94 8.12 -34.93
N LEU A 22 -2.78 7.90 -33.62
CA LEU A 22 -3.27 6.66 -33.04
C LEU A 22 -4.78 6.63 -32.94
N SER A 23 -5.42 7.80 -32.81
CA SER A 23 -6.88 7.84 -32.81
C SER A 23 -7.42 7.39 -34.17
N GLU A 24 -6.80 7.88 -35.23
CA GLU A 24 -7.18 7.52 -36.58
C GLU A 24 -7.02 6.02 -36.81
N LEU A 25 -5.93 5.47 -36.29
CA LEU A 25 -5.62 4.06 -36.51
C LEU A 25 -6.60 3.19 -35.72
N ILE A 26 -6.90 3.60 -34.49
CA ILE A 26 -7.84 2.84 -33.66
C ILE A 26 -9.24 2.87 -34.26
N ASP A 27 -9.61 3.99 -34.87
CA ASP A 27 -10.92 4.06 -35.49
C ASP A 27 -11.02 3.03 -36.61
N LEU A 28 -9.93 2.85 -37.35
CA LEU A 28 -9.90 1.85 -38.40
C LEU A 28 -10.02 0.45 -37.83
N PHE A 29 -9.27 0.17 -36.78
CA PHE A 29 -9.36 -1.13 -36.10
C PHE A 29 -10.79 -1.36 -35.62
N ASN A 30 -11.44 -0.31 -35.11
CA ASN A 30 -12.82 -0.44 -34.64
C ASN A 30 -13.80 -0.81 -35.75
N SER A 31 -13.51 -0.37 -36.97
CA SER A 31 -14.42 -0.61 -38.08
C SER A 31 -14.05 -1.89 -38.83
N THR A 32 -13.05 -2.60 -38.33
CA THR A 32 -12.59 -3.83 -38.98
C THR A 32 -13.25 -5.05 -38.34
N SER A 33 -14.08 -5.74 -39.11
CA SER A 33 -14.80 -6.88 -38.54
C SER A 33 -13.90 -8.09 -38.51
N ILE A 34 -13.56 -8.56 -37.31
CA ILE A 34 -12.75 -9.77 -37.17
C ILE A 34 -13.67 -10.96 -37.00
N ASN A 35 -13.70 -11.83 -38.01
CA ASN A 35 -14.74 -12.86 -38.05
C ASN A 35 -14.25 -14.27 -37.76
N HIS A 36 -12.94 -14.49 -37.88
CA HIS A 36 -12.38 -15.82 -37.60
C HIS A 36 -11.77 -15.88 -36.21
N ASP A 37 -11.37 -17.07 -35.80
CA ASP A 37 -10.86 -17.25 -34.44
C ASP A 37 -9.38 -16.85 -34.38
N VAL A 38 -9.16 -15.60 -33.97
CA VAL A 38 -7.82 -15.01 -33.86
C VAL A 38 -7.88 -14.03 -32.70
N GLN A 39 -6.83 -14.00 -31.90
CA GLN A 39 -6.71 -12.99 -30.84
C GLN A 39 -5.85 -11.84 -31.34
N CYS A 40 -6.44 -10.66 -31.43
CA CYS A 40 -5.65 -9.50 -31.82
C CYS A 40 -5.18 -8.78 -30.58
N VAL A 41 -3.98 -8.21 -30.66
CA VAL A 41 -3.40 -7.51 -29.52
C VAL A 41 -2.79 -6.22 -30.03
N VAL A 42 -2.95 -5.12 -29.31
CA VAL A 42 -2.24 -3.90 -29.65
C VAL A 42 -1.43 -3.45 -28.44
N ALA A 43 -0.17 -3.10 -28.65
CA ALA A 43 0.70 -2.67 -27.55
C ALA A 43 1.18 -1.24 -27.75
N PRO A 44 0.44 -0.26 -27.20
CA PRO A 44 0.87 1.14 -27.26
C PRO A 44 1.96 1.44 -26.21
N THR A 45 2.63 2.58 -26.36
CA THR A 45 3.44 3.08 -25.24
C THR A 45 2.60 3.23 -23.98
N PHE A 46 3.25 3.22 -22.81
CA PHE A 46 2.50 3.42 -21.57
C PHE A 46 1.61 4.67 -21.64
N LEU A 47 2.13 5.75 -22.25
CA LEU A 47 1.43 7.03 -22.22
C LEU A 47 0.14 6.93 -23.01
N HIS A 48 0.12 6.03 -23.99
CA HIS A 48 -0.99 5.92 -24.90
C HIS A 48 -1.99 4.82 -24.50
N ILE A 49 -1.67 4.07 -23.46
CA ILE A 49 -2.59 3.03 -23.03
C ILE A 49 -3.98 3.56 -22.61
N PRO A 50 -4.03 4.62 -21.77
CA PRO A 50 -5.36 5.12 -21.39
C PRO A 50 -6.23 5.58 -22.57
N MET A 51 -5.66 6.32 -23.51
CA MET A 51 -6.44 6.72 -24.67
C MET A 51 -6.86 5.52 -25.53
N THR A 52 -6.03 4.49 -25.59
CA THR A 52 -6.36 3.33 -26.42
C THR A 52 -7.47 2.54 -25.74
N LYS A 53 -7.36 2.40 -24.43
CA LYS A 53 -8.36 1.71 -23.64
C LYS A 53 -9.73 2.39 -23.79
N ALA A 54 -9.72 3.71 -23.79
CA ALA A 54 -10.97 4.49 -23.87
C ALA A 54 -11.60 4.43 -25.25
N ARG A 55 -10.78 4.30 -26.28
CA ARG A 55 -11.27 4.43 -27.66
C ARG A 55 -11.51 3.09 -28.38
N LEU A 56 -10.71 2.07 -28.06
CA LEU A 56 -10.83 0.77 -28.75
C LEU A 56 -12.10 0.08 -28.30
N THR A 57 -12.93 -0.33 -29.27
CA THR A 57 -14.19 -1.02 -29.00
C THR A 57 -14.23 -2.45 -29.56
N ASN A 58 -13.31 -2.77 -30.45
CA ASN A 58 -13.32 -4.05 -31.14
C ASN A 58 -13.14 -5.21 -30.15
N PRO A 59 -14.16 -6.07 -30.04
CA PRO A 59 -14.13 -7.14 -29.02
C PRO A 59 -13.05 -8.19 -29.24
N LYS A 60 -12.43 -8.23 -30.42
CA LYS A 60 -11.39 -9.22 -30.70
C LYS A 60 -9.99 -8.71 -30.39
N PHE A 61 -9.91 -7.49 -29.87
CA PHE A 61 -8.65 -6.87 -29.49
C PHE A 61 -8.44 -6.81 -27.98
N GLN A 62 -7.22 -7.15 -27.55
CA GLN A 62 -6.75 -6.92 -26.18
C GLN A 62 -5.61 -5.92 -26.21
N ILE A 63 -5.47 -5.12 -25.16
CA ILE A 63 -4.37 -4.16 -25.07
C ILE A 63 -3.23 -4.75 -24.25
N ALA A 64 -1.99 -4.57 -24.72
CA ALA A 64 -0.81 -5.07 -24.01
C ALA A 64 0.13 -3.92 -23.69
N ALA A 65 0.92 -4.07 -22.63
CA ALA A 65 2.07 -3.20 -22.43
C ALA A 65 3.28 -3.77 -23.15
N GLN A 66 4.23 -2.89 -23.50
CA GLN A 66 5.44 -3.28 -24.21
C GLN A 66 6.56 -3.74 -23.26
N ASN A 67 6.33 -3.55 -21.97
CA ASN A 67 7.31 -3.91 -20.93
C ASN A 67 6.65 -3.69 -19.57
N ALA A 68 7.32 -4.18 -18.53
CA ALA A 68 6.93 -3.93 -17.15
C ALA A 68 8.08 -4.31 -16.21
N ILE A 69 8.08 -3.75 -15.01
CA ILE A 69 8.82 -4.37 -13.91
C ILE A 69 7.81 -5.07 -13.01
N THR A 70 8.30 -5.90 -12.10
CA THR A 70 7.41 -6.79 -11.36
C THR A 70 6.59 -6.09 -10.28
N ARG A 71 7.23 -5.30 -9.43
CA ARG A 71 6.58 -4.69 -8.27
C ARG A 71 6.68 -3.18 -8.22
N SER A 72 5.62 -2.55 -7.75
CA SER A 72 5.64 -1.10 -7.48
C SER A 72 6.66 -0.79 -6.41
N GLY A 73 7.24 0.40 -6.46
CA GLY A 73 8.18 0.85 -5.45
C GLY A 73 9.08 1.95 -5.96
N ALA A 74 10.27 2.04 -5.38
CA ALA A 74 11.22 3.11 -5.67
C ALA A 74 11.96 2.83 -6.96
N PHE A 75 11.23 2.88 -8.08
CA PHE A 75 11.81 2.59 -9.37
C PHE A 75 11.44 3.69 -10.36
N THR A 76 12.06 4.85 -10.19
CA THR A 76 11.71 6.04 -10.96
C THR A 76 11.75 5.79 -12.45
N GLY A 77 10.67 6.16 -13.12
CA GLY A 77 10.55 6.02 -14.57
C GLY A 77 9.90 4.73 -15.06
N GLU A 78 9.73 3.75 -14.19
CA GLU A 78 9.22 2.43 -14.60
C GLU A 78 7.73 2.26 -14.32
N VAL A 79 7.13 1.25 -14.93
CA VAL A 79 5.73 0.90 -14.69
C VAL A 79 5.68 -0.56 -14.31
N SER A 80 4.96 -0.86 -13.23
CA SER A 80 4.93 -2.21 -12.68
C SER A 80 3.71 -3.02 -13.14
N LEU A 81 3.81 -4.34 -13.02
CA LEU A 81 2.64 -5.20 -13.27
C LEU A 81 1.45 -4.81 -12.38
N GLN A 82 1.72 -4.37 -11.15
CA GLN A 82 0.64 -4.00 -10.24
C GLN A 82 -0.17 -2.85 -10.80
N ILE A 83 0.53 -1.87 -11.38
CA ILE A 83 -0.10 -0.68 -11.91
C ILE A 83 -0.87 -1.02 -13.19
N LEU A 84 -0.29 -1.86 -14.03
CA LEU A 84 -0.98 -2.32 -15.24
C LEU A 84 -2.28 -3.04 -14.88
N LYS A 85 -2.21 -3.93 -13.90
CA LYS A 85 -3.38 -4.69 -13.49
C LYS A 85 -4.48 -3.78 -12.96
N ASP A 86 -4.08 -2.76 -12.19
CA ASP A 86 -5.02 -1.75 -11.70
C ASP A 86 -5.73 -1.04 -12.85
N TYR A 87 -5.04 -0.91 -13.99
CA TYR A 87 -5.60 -0.25 -15.15
C TYR A 87 -6.29 -1.27 -16.09
N GLY A 88 -6.40 -2.51 -15.63
CA GLY A 88 -7.11 -3.52 -16.38
C GLY A 88 -6.39 -4.03 -17.61
N ILE A 89 -5.05 -3.95 -17.57
CA ILE A 89 -4.22 -4.47 -18.65
C ILE A 89 -3.75 -5.85 -18.24
N SER A 90 -3.96 -6.85 -19.10
CA SER A 90 -3.62 -8.23 -18.76
C SER A 90 -2.72 -8.96 -19.76
N TRP A 91 -2.15 -8.20 -20.70
CA TRP A 91 -1.18 -8.74 -21.65
C TRP A 91 0.07 -7.89 -21.56
N VAL A 92 1.23 -8.52 -21.73
CA VAL A 92 2.49 -7.78 -21.72
C VAL A 92 3.53 -8.49 -22.58
N VAL A 93 4.32 -7.70 -23.31
CA VAL A 93 5.42 -8.18 -24.12
C VAL A 93 6.68 -8.07 -23.27
N LEU A 94 7.46 -9.14 -23.20
CA LEU A 94 8.66 -9.13 -22.38
C LEU A 94 9.84 -9.71 -23.15
N GLY A 95 11.02 -9.13 -22.92
CA GLY A 95 12.25 -9.66 -23.47
C GLY A 95 12.49 -9.29 -24.92
N HIS A 96 11.79 -8.26 -25.39
CA HIS A 96 11.96 -7.83 -26.77
C HIS A 96 13.43 -7.56 -27.04
N SER A 97 13.89 -7.90 -28.24
CA SER A 97 15.29 -7.74 -28.63
C SER A 97 15.87 -6.35 -28.38
N GLU A 98 15.02 -5.33 -28.43
CA GLU A 98 15.51 -3.97 -28.24
C GLU A 98 15.82 -3.70 -26.77
N ARG A 99 15.10 -4.37 -25.89
CA ARG A 99 15.35 -4.22 -24.46
C ARG A 99 16.54 -5.07 -24.03
N ARG A 100 16.68 -6.22 -24.66
CA ARG A 100 17.85 -7.06 -24.44
C ARG A 100 19.11 -6.31 -24.90
N ALA A 101 18.98 -5.51 -25.96
CA ALA A 101 20.12 -4.78 -26.53
C ALA A 101 20.46 -3.52 -25.75
N TYR A 102 19.47 -2.65 -25.55
CA TYR A 102 19.70 -1.30 -25.06
C TYR A 102 19.52 -1.15 -23.56
N TYR A 103 18.69 -2.00 -22.97
CA TYR A 103 18.23 -1.74 -21.62
C TYR A 103 18.60 -2.88 -20.65
N GLY A 104 19.64 -3.62 -21.02
CA GLY A 104 20.30 -4.56 -20.12
C GLY A 104 19.48 -5.75 -19.67
N GLU A 105 18.47 -6.12 -20.44
CA GLU A 105 17.65 -7.27 -20.09
C GLU A 105 18.31 -8.59 -20.45
N THR A 106 18.85 -9.24 -19.43
CA THR A 106 19.51 -10.54 -19.58
C THR A 106 18.46 -11.66 -19.55
N ASN A 107 18.90 -12.87 -19.86
CA ASN A 107 18.00 -14.04 -19.81
C ASN A 107 17.37 -14.18 -18.43
N GLU A 108 18.16 -13.85 -17.41
CA GLU A 108 17.71 -13.95 -16.03
C GLU A 108 16.65 -12.90 -15.70
N ILE A 109 16.88 -11.66 -16.14
CA ILE A 109 15.93 -10.57 -15.91
C ILE A 109 14.63 -10.84 -16.63
N VAL A 110 14.71 -11.29 -17.87
CA VAL A 110 13.52 -11.61 -18.64
C VAL A 110 12.73 -12.72 -17.95
N ALA A 111 13.42 -13.77 -17.52
CA ALA A 111 12.77 -14.90 -16.87
C ALA A 111 12.02 -14.47 -15.61
N ASP A 112 12.66 -13.62 -14.81
CA ASP A 112 12.01 -13.13 -13.59
C ASP A 112 10.73 -12.34 -13.90
N LYS A 113 10.79 -11.47 -14.90
CA LYS A 113 9.62 -10.70 -15.33
C LYS A 113 8.51 -11.62 -15.83
N VAL A 114 8.86 -12.61 -16.65
CA VAL A 114 7.86 -13.51 -17.19
C VAL A 114 7.17 -14.30 -16.08
N ALA A 115 7.97 -14.84 -15.17
CA ALA A 115 7.45 -15.63 -14.05
C ALA A 115 6.43 -14.84 -13.24
N ALA A 116 6.81 -13.63 -12.87
CA ALA A 116 5.92 -12.76 -12.11
C ALA A 116 4.63 -12.48 -12.88
N ALA A 117 4.75 -12.14 -14.17
CA ALA A 117 3.57 -11.79 -14.97
C ALA A 117 2.57 -12.94 -15.10
N VAL A 118 3.04 -14.14 -15.44
CA VAL A 118 2.07 -15.22 -15.62
C VAL A 118 1.47 -15.68 -14.31
N ALA A 119 2.23 -15.57 -13.22
CA ALA A 119 1.71 -15.90 -11.89
C ALA A 119 0.67 -14.89 -11.43
N SER A 120 0.75 -13.69 -11.98
CA SER A 120 -0.23 -12.67 -11.70
C SER A 120 -1.35 -12.65 -12.74
N GLY A 121 -1.43 -13.71 -13.54
CA GLY A 121 -2.53 -13.90 -14.47
C GLY A 121 -2.42 -13.17 -15.80
N PHE A 122 -1.26 -12.58 -16.07
CA PHE A 122 -1.03 -11.95 -17.37
C PHE A 122 -0.79 -13.01 -18.45
N HIS A 123 -1.26 -12.76 -19.66
CA HIS A 123 -0.73 -13.42 -20.84
C HIS A 123 0.53 -12.68 -21.24
N VAL A 124 1.59 -13.43 -21.51
CA VAL A 124 2.87 -12.83 -21.83
C VAL A 124 3.34 -13.24 -23.22
N ILE A 125 3.78 -12.26 -24.02
CA ILE A 125 4.49 -12.59 -25.25
C ILE A 125 5.98 -12.48 -24.95
N VAL A 126 6.64 -13.64 -24.86
CA VAL A 126 8.05 -13.73 -24.50
C VAL A 126 8.88 -13.78 -25.76
N CYS A 127 9.77 -12.80 -25.93
CA CYS A 127 10.55 -12.70 -27.15
C CYS A 127 11.92 -13.40 -27.01
N VAL A 128 12.29 -14.12 -28.05
CA VAL A 128 13.61 -14.76 -28.12
C VAL A 128 14.20 -14.57 -29.51
N GLY A 129 15.53 -14.71 -29.64
CA GLY A 129 16.14 -14.63 -30.97
C GLY A 129 17.64 -14.45 -30.94
N GLU A 130 18.31 -14.91 -32.00
CA GLU A 130 19.78 -14.94 -32.06
C GLU A 130 20.35 -13.87 -33.00
N THR A 131 21.59 -13.47 -32.74
CA THR A 131 22.28 -12.48 -33.57
C THR A 131 22.82 -13.09 -34.86
N ASN A 132 23.24 -12.26 -35.79
CA ASN A 132 23.82 -12.80 -37.01
C ASN A 132 25.11 -13.56 -36.71
N GLU A 133 25.90 -13.08 -35.75
CA GLU A 133 27.14 -13.77 -35.39
C GLU A 133 26.86 -15.16 -34.83
N GLU A 134 25.82 -15.25 -34.02
CA GLU A 134 25.40 -16.54 -33.47
C GLU A 134 24.84 -17.44 -34.59
N ARG A 135 24.03 -16.89 -35.49
CA ARG A 135 23.51 -17.71 -36.58
C ARG A 135 24.63 -18.21 -37.51
N GLU A 136 25.54 -17.31 -37.88
CA GLU A 136 26.63 -17.67 -38.77
C GLU A 136 27.55 -18.72 -38.16
N ALA A 137 27.63 -18.73 -36.83
CA ALA A 137 28.43 -19.70 -36.11
C ALA A 137 27.73 -21.05 -35.98
N GLY A 138 26.50 -21.13 -36.47
CA GLY A 138 25.69 -22.35 -36.36
C GLY A 138 25.10 -22.57 -34.98
N ARG A 139 24.84 -21.49 -34.26
CA ARG A 139 24.47 -21.57 -32.84
C ARG A 139 23.03 -21.13 -32.56
N THR A 140 22.22 -21.04 -33.59
CA THR A 140 20.82 -20.62 -33.42
C THR A 140 20.11 -21.39 -32.31
N ALA A 141 20.13 -22.71 -32.41
CA ALA A 141 19.43 -23.55 -31.43
C ALA A 141 20.02 -23.37 -30.03
N ALA A 142 21.34 -23.38 -29.92
CA ALA A 142 21.97 -23.21 -28.62
C ALA A 142 21.49 -21.92 -27.96
N VAL A 143 21.45 -20.85 -28.74
CA VAL A 143 21.09 -19.55 -28.19
C VAL A 143 19.61 -19.44 -27.84
N VAL A 144 18.72 -19.76 -28.78
CA VAL A 144 17.30 -19.55 -28.51
C VAL A 144 16.76 -20.51 -27.45
N LEU A 145 17.35 -21.70 -27.38
CA LEU A 145 16.89 -22.65 -26.37
C LEU A 145 17.43 -22.29 -25.01
N THR A 146 18.60 -21.64 -24.97
CA THR A 146 19.10 -21.12 -23.70
C THR A 146 18.16 -20.02 -23.18
N GLN A 147 17.74 -19.13 -24.07
CA GLN A 147 16.77 -18.10 -23.73
C GLN A 147 15.46 -18.69 -23.24
N LEU A 148 14.96 -19.68 -23.98
CA LEU A 148 13.70 -20.30 -23.62
C LEU A 148 13.82 -21.08 -22.33
N ALA A 149 14.94 -21.76 -22.15
CA ALA A 149 15.13 -22.58 -20.95
C ALA A 149 15.11 -21.72 -19.70
N ALA A 150 15.69 -20.53 -19.80
CA ALA A 150 15.78 -19.63 -18.65
C ALA A 150 14.37 -19.22 -18.19
N VAL A 151 13.52 -18.92 -19.17
CA VAL A 151 12.16 -18.55 -18.89
C VAL A 151 11.37 -19.75 -18.34
N ALA A 152 11.56 -20.92 -18.93
CA ALA A 152 10.77 -22.10 -18.54
C ALA A 152 11.04 -22.59 -17.11
N GLN A 153 12.23 -22.31 -16.60
CA GLN A 153 12.65 -22.91 -15.33
C GLN A 153 11.73 -22.53 -14.17
N LYS A 154 11.11 -21.36 -14.25
CA LYS A 154 10.24 -20.87 -13.18
C LYS A 154 8.81 -21.39 -13.27
N LEU A 155 8.35 -21.67 -14.49
CA LEU A 155 6.92 -21.83 -14.75
C LEU A 155 6.29 -23.17 -14.35
N SER A 156 5.08 -23.09 -13.82
CA SER A 156 4.29 -24.27 -13.51
C SER A 156 3.56 -24.76 -14.77
N LYS A 157 3.02 -25.97 -14.71
CA LYS A 157 2.24 -26.55 -15.79
C LYS A 157 1.14 -25.61 -16.25
N GLU A 158 0.35 -25.12 -15.28
CA GLU A 158 -0.80 -24.29 -15.58
C GLU A 158 -0.40 -22.94 -16.20
N ALA A 159 0.80 -22.48 -15.87
CA ALA A 159 1.27 -21.18 -16.32
C ALA A 159 1.45 -21.15 -17.84
N TRP A 160 1.69 -22.32 -18.44
CA TRP A 160 1.96 -22.36 -19.88
C TRP A 160 0.76 -21.97 -20.73
N SER A 161 -0.44 -22.07 -20.17
CA SER A 161 -1.64 -21.60 -20.86
C SER A 161 -1.59 -20.11 -21.17
N ARG A 162 -0.75 -19.37 -20.43
CA ARG A 162 -0.66 -17.93 -20.60
C ARG A 162 0.64 -17.48 -21.26
N VAL A 163 1.44 -18.43 -21.71
CA VAL A 163 2.70 -18.13 -22.37
C VAL A 163 2.52 -18.11 -23.87
N VAL A 164 3.10 -17.11 -24.52
CA VAL A 164 3.17 -17.05 -25.98
C VAL A 164 4.62 -16.73 -26.30
N ILE A 165 5.23 -17.44 -27.25
CA ILE A 165 6.60 -17.15 -27.64
C ILE A 165 6.62 -16.35 -28.92
N ALA A 166 7.53 -15.38 -29.02
CA ALA A 166 7.72 -14.67 -30.30
C ALA A 166 9.17 -14.80 -30.70
N TYR A 167 9.42 -15.35 -31.88
CA TYR A 167 10.78 -15.47 -32.40
C TYR A 167 11.16 -14.25 -33.22
N GLU A 168 12.21 -13.56 -32.83
CA GLU A 168 12.73 -12.41 -33.55
C GLU A 168 14.03 -12.80 -34.24
N PRO A 169 14.04 -12.82 -35.58
CA PRO A 169 15.30 -13.09 -36.27
C PRO A 169 16.16 -11.81 -36.26
N VAL A 170 16.74 -11.54 -35.10
CA VAL A 170 17.59 -10.35 -34.92
C VAL A 170 18.68 -10.31 -35.98
N TRP A 171 19.14 -11.49 -36.38
CA TRP A 171 20.17 -11.61 -37.41
C TRP A 171 19.79 -10.94 -38.73
N ALA A 172 18.49 -10.88 -39.00
CA ALA A 172 18.01 -10.25 -40.24
C ALA A 172 17.94 -8.72 -40.09
N ALA A 179 14.94 -12.80 -43.84
CA ALA A 179 14.53 -14.15 -43.47
C ALA A 179 13.46 -14.70 -44.42
N THR A 180 13.55 -15.99 -44.73
CA THR A 180 12.53 -16.66 -45.52
C THR A 180 11.55 -17.41 -44.61
N PRO A 181 10.37 -17.72 -45.12
CA PRO A 181 9.43 -18.51 -44.31
C PRO A 181 10.02 -19.85 -43.91
N GLN A 182 10.86 -20.43 -44.77
CA GLN A 182 11.51 -21.70 -44.45
C GLN A 182 12.44 -21.57 -43.26
N GLN A 183 13.22 -20.48 -43.23
CA GLN A 183 14.16 -20.24 -42.14
C GLN A 183 13.42 -19.99 -40.82
N ALA A 184 12.36 -19.19 -40.89
CA ALA A 184 11.51 -18.94 -39.74
C ALA A 184 10.90 -20.25 -39.26
N GLN A 185 10.33 -21.02 -40.16
CA GLN A 185 9.70 -22.27 -39.77
C GLN A 185 10.65 -23.22 -39.06
N GLU A 186 11.90 -23.24 -39.50
CA GLU A 186 12.88 -24.13 -38.86
C GLU A 186 13.13 -23.74 -37.40
N VAL A 187 13.21 -22.45 -37.10
CA VAL A 187 13.43 -22.05 -35.70
C VAL A 187 12.18 -22.32 -34.86
N HIS A 188 11.02 -22.06 -35.43
CA HIS A 188 9.79 -22.40 -34.72
C HIS A 188 9.72 -23.89 -34.41
N GLU A 189 10.18 -24.73 -35.33
CA GLU A 189 10.25 -26.17 -35.08
C GLU A 189 11.20 -26.49 -33.95
N LEU A 190 12.37 -25.85 -33.97
CA LEU A 190 13.37 -25.98 -32.90
C LEU A 190 12.78 -25.67 -31.52
N LEU A 191 12.05 -24.57 -31.45
CA LEU A 191 11.47 -24.12 -30.18
C LEU A 191 10.41 -25.14 -29.73
N ARG A 192 9.52 -25.52 -30.64
CA ARG A 192 8.43 -26.40 -30.27
C ARG A 192 8.92 -27.77 -29.85
N ARG A 193 9.98 -28.25 -30.52
CA ARG A 193 10.60 -29.52 -30.18
C ARG A 193 11.11 -29.52 -28.75
N TRP A 194 11.79 -28.45 -28.34
CA TRP A 194 12.29 -28.35 -26.97
C TRP A 194 11.11 -28.40 -25.99
N VAL A 195 10.06 -27.65 -26.29
CA VAL A 195 8.91 -27.61 -25.41
C VAL A 195 8.24 -28.98 -25.30
N ARG A 196 8.12 -29.66 -26.44
CA ARG A 196 7.48 -30.97 -26.46
C ARG A 196 8.29 -31.92 -25.59
N SER A 197 9.60 -31.86 -25.74
CA SER A 197 10.48 -32.75 -25.00
C SER A 197 10.41 -32.51 -23.49
N LYS A 198 10.33 -31.24 -23.09
CA LYS A 198 10.38 -30.89 -21.66
C LYS A 198 9.03 -30.81 -20.97
N LEU A 199 8.00 -30.43 -21.71
CA LEU A 199 6.67 -30.17 -21.14
C LEU A 199 5.56 -31.06 -21.68
N GLY A 200 5.85 -31.85 -22.71
CA GLY A 200 4.89 -32.82 -23.20
C GLY A 200 4.11 -32.40 -24.43
N THR A 201 3.43 -33.36 -25.03
CA THR A 201 2.75 -33.14 -26.30
C THR A 201 1.66 -32.08 -26.21
N ASP A 202 0.85 -32.12 -25.17
CA ASP A 202 -0.30 -31.20 -25.04
C ASP A 202 0.13 -29.71 -24.93
N ILE A 203 1.10 -29.42 -24.07
CA ILE A 203 1.58 -28.05 -23.95
C ILE A 203 2.21 -27.57 -25.26
N ALA A 204 3.01 -28.42 -25.90
CA ALA A 204 3.64 -28.07 -27.17
C ALA A 204 2.62 -27.81 -28.27
N ALA A 205 1.53 -28.57 -28.26
CA ALA A 205 0.52 -28.44 -29.32
C ALA A 205 -0.28 -27.17 -29.13
N GLN A 206 -0.44 -26.76 -27.87
CA GLN A 206 -1.28 -25.61 -27.53
C GLN A 206 -0.51 -24.30 -27.60
N LEU A 207 0.81 -24.40 -27.61
CA LEU A 207 1.66 -23.23 -27.54
C LEU A 207 1.66 -22.42 -28.84
N ARG A 208 1.36 -21.12 -28.72
CA ARG A 208 1.52 -20.20 -29.84
C ARG A 208 2.95 -19.70 -29.93
N ILE A 209 3.57 -19.92 -31.08
CA ILE A 209 4.89 -19.37 -31.37
C ILE A 209 4.69 -18.41 -32.55
N LEU A 210 4.89 -17.12 -32.27
CA LEU A 210 4.60 -16.09 -33.25
C LEU A 210 5.86 -15.68 -33.95
N TYR A 211 5.75 -15.33 -35.22
CA TYR A 211 6.90 -14.81 -35.95
C TYR A 211 7.03 -13.31 -35.73
N GLY A 212 8.22 -12.88 -35.31
CA GLY A 212 8.44 -11.50 -34.91
C GLY A 212 9.49 -10.77 -35.72
N GLY A 213 9.77 -11.27 -36.91
CA GLY A 213 10.65 -10.58 -37.84
C GLY A 213 9.87 -9.54 -38.61
N SER A 214 10.36 -9.15 -39.79
CA SER A 214 9.67 -8.15 -40.59
C SER A 214 8.40 -8.73 -41.17
N VAL A 215 7.26 -8.22 -40.73
CA VAL A 215 5.97 -8.70 -41.24
C VAL A 215 5.23 -7.58 -41.97
N THR A 216 4.78 -7.88 -43.19
CA THR A 216 4.04 -6.93 -44.00
C THR A 216 2.83 -7.61 -44.61
N ALA A 217 1.91 -6.82 -45.15
CA ALA A 217 0.75 -7.38 -45.85
C ALA A 217 1.26 -8.27 -46.98
N LYS A 218 2.40 -7.92 -47.56
CA LYS A 218 2.94 -8.66 -48.70
C LYS A 218 3.54 -10.04 -48.36
N ASN A 219 4.05 -10.23 -47.15
CA ASN A 219 4.64 -11.52 -46.80
C ASN A 219 3.89 -12.31 -45.73
N ALA A 220 2.81 -11.75 -45.18
CA ALA A 220 2.14 -12.39 -44.05
C ALA A 220 1.50 -13.75 -44.36
N ARG A 221 0.87 -13.88 -45.52
CA ARG A 221 0.19 -15.14 -45.84
C ARG A 221 1.19 -16.29 -45.97
N THR A 222 2.29 -16.04 -46.68
CA THR A 222 3.30 -17.07 -46.90
C THR A 222 3.92 -17.51 -45.58
N LEU A 223 4.12 -16.56 -44.66
CA LEU A 223 4.57 -16.90 -43.33
C LEU A 223 3.53 -17.70 -42.55
N TYR A 224 2.29 -17.24 -42.54
CA TYR A 224 1.31 -17.94 -41.73
C TYR A 224 1.11 -19.38 -42.18
N GLN A 225 1.33 -19.64 -43.46
CA GLN A 225 1.15 -20.98 -44.02
C GLN A 225 2.12 -22.03 -43.47
N MET A 226 3.25 -21.59 -42.90
CA MET A 226 4.21 -22.52 -42.31
C MET A 226 3.58 -23.23 -41.11
N ARG A 227 3.89 -24.52 -40.95
CA ARG A 227 3.21 -25.37 -39.97
C ARG A 227 3.33 -24.92 -38.52
N ASP A 228 4.45 -24.30 -38.17
CA ASP A 228 4.73 -24.00 -36.77
C ASP A 228 4.74 -22.51 -36.45
N ILE A 229 4.24 -21.71 -37.39
CA ILE A 229 4.03 -20.28 -37.17
C ILE A 229 2.55 -20.02 -36.80
N ASN A 230 2.34 -19.43 -35.62
CA ASN A 230 0.98 -19.23 -35.11
C ASN A 230 0.51 -17.79 -35.10
N GLY A 231 1.15 -16.95 -35.92
CA GLY A 231 0.79 -15.55 -35.98
C GLY A 231 2.02 -14.68 -35.90
N PHE A 232 1.82 -13.42 -35.55
CA PHE A 232 2.88 -12.43 -35.69
C PHE A 232 2.95 -11.44 -34.54
N LEU A 233 4.17 -10.99 -34.26
CA LEU A 233 4.39 -9.80 -33.45
C LEU A 233 4.94 -8.78 -34.42
N VAL A 234 4.09 -7.83 -34.82
CA VAL A 234 4.37 -6.96 -35.96
C VAL A 234 4.94 -5.62 -35.53
N GLY A 235 5.96 -5.16 -36.24
CA GLY A 235 6.54 -3.86 -35.98
C GLY A 235 5.88 -2.75 -36.77
N GLY A 236 6.66 -2.10 -37.64
CA GLY A 236 6.20 -0.92 -38.35
C GLY A 236 4.85 -1.02 -39.05
N ALA A 237 4.59 -2.15 -39.69
CA ALA A 237 3.33 -2.33 -40.39
C ALA A 237 2.12 -2.20 -39.48
N SER A 238 2.32 -2.35 -38.17
CA SER A 238 1.18 -2.35 -37.25
C SER A 238 0.68 -0.93 -36.90
N LEU A 239 1.39 0.08 -37.39
CA LEU A 239 0.98 1.47 -37.24
C LEU A 239 0.28 1.91 -38.51
N LYS A 240 0.00 0.96 -39.41
CA LYS A 240 -0.56 1.28 -40.72
C LYS A 240 -1.83 0.50 -41.01
N PRO A 241 -2.65 0.99 -41.95
CA PRO A 241 -3.86 0.21 -42.26
C PRO A 241 -3.53 -1.19 -42.78
N GLU A 242 -2.30 -1.42 -43.21
CA GLU A 242 -1.96 -2.75 -43.73
C GLU A 242 -2.03 -3.82 -42.63
N PHE A 243 -2.14 -3.40 -41.37
CA PHE A 243 -2.28 -4.38 -40.27
C PHE A 243 -3.55 -5.20 -40.48
N VAL A 244 -4.54 -4.61 -41.15
CA VAL A 244 -5.79 -5.32 -41.43
C VAL A 244 -5.52 -6.56 -42.26
N GLU A 245 -4.71 -6.40 -43.30
CA GLU A 245 -4.34 -7.50 -44.18
C GLU A 245 -3.52 -8.56 -43.44
N ILE A 246 -2.77 -8.13 -42.43
CA ILE A 246 -1.95 -9.07 -41.70
C ILE A 246 -2.84 -9.94 -40.81
N ILE A 247 -3.83 -9.33 -40.19
CA ILE A 247 -4.82 -10.11 -39.43
C ILE A 247 -5.50 -11.11 -40.35
N GLU A 248 -5.83 -10.69 -41.57
CA GLU A 248 -6.55 -11.56 -42.51
C GLU A 248 -5.70 -12.75 -42.94
N ALA A 249 -4.39 -12.58 -42.90
CA ALA A 249 -3.45 -13.63 -43.28
C ALA A 249 -3.43 -14.81 -42.31
N THR A 250 -4.06 -14.64 -41.14
CA THR A 250 -4.10 -15.69 -40.13
C THR A 250 -5.33 -16.61 -40.24
N LYS A 251 -6.02 -16.55 -41.37
CA LYS A 251 -7.14 -17.46 -41.62
C LYS A 251 -6.72 -18.89 -41.96
N SER B 3 15.70 37.87 -3.44
CA SER B 3 17.02 37.33 -3.72
C SER B 3 16.96 35.94 -4.37
N LYS B 4 16.65 34.91 -3.59
CA LYS B 4 16.49 33.57 -4.15
C LYS B 4 15.51 33.59 -5.32
N PRO B 5 15.72 32.71 -6.31
CA PRO B 5 14.76 32.61 -7.42
C PRO B 5 13.50 31.90 -6.96
N GLN B 6 12.51 31.81 -7.84
CA GLN B 6 11.28 31.09 -7.51
C GLN B 6 11.60 29.68 -7.02
N PRO B 7 11.06 29.31 -5.85
CA PRO B 7 11.28 27.94 -5.37
C PRO B 7 10.46 26.91 -6.12
N ILE B 8 10.91 25.66 -6.04
CA ILE B 8 10.20 24.53 -6.63
C ILE B 8 9.93 23.48 -5.57
N ALA B 9 8.71 22.99 -5.54
CA ALA B 9 8.36 21.82 -4.73
C ALA B 9 7.88 20.74 -5.68
N ALA B 10 8.70 19.71 -5.87
CA ALA B 10 8.45 18.66 -6.87
C ALA B 10 8.12 17.33 -6.21
N ALA B 11 7.08 16.65 -6.71
CA ALA B 11 6.63 15.37 -6.18
C ALA B 11 7.00 14.24 -7.12
N ASN B 12 7.93 13.38 -6.71
CA ASN B 12 8.29 12.22 -7.51
C ASN B 12 7.57 11.01 -6.98
N TRP B 13 6.49 10.64 -7.65
CA TRP B 13 5.67 9.52 -7.19
C TRP B 13 6.33 8.16 -7.42
N LYS B 14 7.41 8.14 -8.21
CA LYS B 14 8.12 6.91 -8.56
C LYS B 14 7.16 5.85 -9.11
N CYS B 15 7.47 4.58 -8.91
CA CYS B 15 6.62 3.54 -9.48
C CYS B 15 5.51 3.16 -8.50
N ASN B 16 4.57 4.08 -8.29
CA ASN B 16 3.51 3.92 -7.29
C ASN B 16 2.20 4.56 -7.73
N GLY B 17 1.11 4.11 -7.11
CA GLY B 17 -0.18 4.73 -7.32
C GLY B 17 -1.21 3.79 -7.91
N SER B 18 -2.45 3.94 -7.46
CA SER B 18 -3.58 3.33 -8.13
C SER B 18 -4.45 4.49 -8.61
N GLN B 19 -5.37 4.21 -9.53
CA GLN B 19 -6.28 5.24 -10.01
C GLN B 19 -7.00 5.90 -8.84
N GLN B 20 -7.42 5.06 -7.89
CA GLN B 20 -8.16 5.51 -6.73
C GLN B 20 -7.28 6.39 -5.83
N SER B 21 -6.10 5.88 -5.47
CA SER B 21 -5.23 6.58 -4.53
C SER B 21 -4.76 7.90 -5.11
N LEU B 22 -4.43 7.92 -6.40
CA LEU B 22 -3.95 9.15 -7.01
C LEU B 22 -5.06 10.17 -7.22
N SER B 23 -6.28 9.70 -7.50
CA SER B 23 -7.39 10.64 -7.66
C SER B 23 -7.69 11.35 -6.34
N GLU B 24 -7.49 10.65 -5.22
CA GLU B 24 -7.70 11.26 -3.91
C GLU B 24 -6.61 12.28 -3.63
N LEU B 25 -5.38 11.96 -4.03
CA LEU B 25 -4.24 12.84 -3.88
C LEU B 25 -4.42 14.08 -4.75
N ILE B 26 -4.86 13.87 -5.98
CA ILE B 26 -5.05 14.99 -6.89
C ILE B 26 -6.18 15.92 -6.38
N ASP B 27 -7.21 15.35 -5.77
CA ASP B 27 -8.28 16.16 -5.19
C ASP B 27 -7.73 17.04 -4.07
N LEU B 28 -6.88 16.45 -3.23
CA LEU B 28 -6.27 17.20 -2.15
C LEU B 28 -5.40 18.35 -2.66
N PHE B 29 -4.56 18.09 -3.66
CA PHE B 29 -3.75 19.14 -4.26
C PHE B 29 -4.63 20.23 -4.86
N ASN B 30 -5.72 19.84 -5.51
CA ASN B 30 -6.64 20.79 -6.13
C ASN B 30 -7.31 21.72 -5.13
N SER B 31 -7.52 21.22 -3.92
CA SER B 31 -8.21 21.99 -2.88
C SER B 31 -7.24 22.81 -2.06
N THR B 32 -5.95 22.62 -2.28
CA THR B 32 -4.94 23.33 -1.51
C THR B 32 -4.67 24.72 -2.06
N SER B 33 -4.98 25.75 -1.27
CA SER B 33 -4.71 27.11 -1.68
C SER B 33 -3.25 27.44 -1.42
N ILE B 34 -2.58 27.93 -2.45
CA ILE B 34 -1.16 28.28 -2.34
C ILE B 34 -1.05 29.73 -2.75
N ASN B 35 -0.59 30.57 -1.82
CA ASN B 35 -0.66 32.02 -2.04
C ASN B 35 0.69 32.70 -2.13
N HIS B 36 1.74 31.92 -2.35
CA HIS B 36 3.06 32.50 -2.58
C HIS B 36 3.63 31.98 -3.89
N ASP B 37 4.65 32.66 -4.41
CA ASP B 37 5.24 32.29 -5.69
C ASP B 37 6.08 31.03 -5.56
N VAL B 38 5.58 29.93 -6.09
CA VAL B 38 6.30 28.67 -6.07
C VAL B 38 5.83 27.84 -7.25
N GLN B 39 6.75 27.10 -7.87
CA GLN B 39 6.35 26.16 -8.90
C GLN B 39 6.28 24.77 -8.30
N CYS B 40 5.07 24.21 -8.25
CA CYS B 40 4.89 22.84 -7.83
C CYS B 40 4.92 21.95 -9.05
N VAL B 41 5.44 20.74 -8.88
CA VAL B 41 5.53 19.79 -9.98
C VAL B 41 5.11 18.43 -9.45
N VAL B 42 4.32 17.70 -10.21
CA VAL B 42 4.01 16.33 -9.84
C VAL B 42 4.46 15.44 -10.99
N ALA B 43 5.17 14.37 -10.66
CA ALA B 43 5.67 13.42 -11.66
C ALA B 43 5.08 12.03 -11.47
N PRO B 44 3.97 11.74 -12.17
CA PRO B 44 3.33 10.42 -12.11
C PRO B 44 4.02 9.43 -13.04
N THR B 45 3.72 8.15 -12.88
CA THR B 45 4.18 7.16 -13.89
C THR B 45 3.56 7.52 -15.22
N PHE B 46 4.14 7.03 -16.31
CA PHE B 46 3.60 7.34 -17.63
C PHE B 46 2.14 6.95 -17.73
N LEU B 47 1.79 5.83 -17.12
CA LEU B 47 0.43 5.30 -17.26
C LEU B 47 -0.58 6.20 -16.57
N HIS B 48 -0.15 6.93 -15.54
CA HIS B 48 -1.01 7.81 -14.77
C HIS B 48 -0.98 9.25 -15.26
N ILE B 49 -0.11 9.56 -16.20
CA ILE B 49 -0.05 10.92 -16.70
C ILE B 49 -1.37 11.41 -17.33
N PRO B 50 -2.00 10.57 -18.18
CA PRO B 50 -3.27 11.02 -18.77
C PRO B 50 -4.35 11.39 -17.74
N MET B 51 -4.55 10.57 -16.71
CA MET B 51 -5.59 10.89 -15.74
C MET B 51 -5.22 12.13 -14.94
N THR B 52 -3.92 12.33 -14.70
CA THR B 52 -3.47 13.50 -13.91
C THR B 52 -3.66 14.78 -14.71
N LYS B 53 -3.33 14.72 -16.00
CA LYS B 53 -3.48 15.84 -16.91
C LYS B 53 -4.95 16.25 -17.00
N ALA B 54 -5.83 15.26 -17.02
CA ALA B 54 -7.25 15.54 -17.17
C ALA B 54 -7.92 16.09 -15.91
N ARG B 55 -7.34 15.82 -14.74
CA ARG B 55 -7.97 16.19 -13.48
C ARG B 55 -7.29 17.28 -12.67
N LEU B 56 -5.98 17.42 -12.84
CA LEU B 56 -5.24 18.37 -12.00
C LEU B 56 -5.53 19.81 -12.41
N THR B 57 -5.90 20.65 -11.45
CA THR B 57 -6.33 22.02 -11.77
C THR B 57 -5.58 23.10 -10.98
N ASN B 58 -4.92 22.73 -9.90
CA ASN B 58 -4.23 23.72 -9.08
C ASN B 58 -3.26 24.54 -9.93
N PRO B 59 -3.45 25.87 -9.96
CA PRO B 59 -2.68 26.69 -10.91
C PRO B 59 -1.19 26.75 -10.62
N LYS B 60 -0.77 26.36 -9.42
CA LYS B 60 0.66 26.35 -9.10
C LYS B 60 1.38 25.07 -9.58
N PHE B 61 0.63 24.10 -10.09
CA PHE B 61 1.22 22.80 -10.47
C PHE B 61 1.45 22.61 -11.96
N GLN B 62 2.59 21.99 -12.27
CA GLN B 62 2.86 21.43 -13.59
C GLN B 62 3.07 19.93 -13.46
N ILE B 63 2.85 19.21 -14.56
CA ILE B 63 3.05 17.76 -14.58
C ILE B 63 4.36 17.44 -15.26
N ALA B 64 5.11 16.51 -14.68
CA ALA B 64 6.40 16.06 -15.20
C ALA B 64 6.41 14.55 -15.47
N ALA B 65 7.20 14.13 -16.45
CA ALA B 65 7.50 12.70 -16.60
C ALA B 65 8.70 12.34 -15.75
N GLN B 66 8.81 11.07 -15.38
CA GLN B 66 9.88 10.62 -14.51
C GLN B 66 11.12 10.19 -15.29
N ASN B 67 10.98 10.12 -16.62
CA ASN B 67 12.08 9.75 -17.50
C ASN B 67 11.60 9.97 -18.93
N ALA B 68 12.53 9.94 -19.87
CA ALA B 68 12.18 9.92 -21.30
C ALA B 68 13.40 9.50 -22.10
N ILE B 69 13.18 9.09 -23.35
CA ILE B 69 14.29 8.91 -24.27
C ILE B 69 14.30 10.02 -25.32
N THR B 70 15.45 10.18 -25.96
CA THR B 70 15.68 11.29 -26.87
C THR B 70 14.78 11.34 -28.10
N ARG B 71 14.57 10.19 -28.74
CA ARG B 71 13.81 10.18 -29.99
C ARG B 71 12.86 8.99 -30.07
N SER B 72 11.77 9.20 -30.80
CA SER B 72 10.81 8.17 -31.11
C SER B 72 11.43 7.16 -32.06
N GLY B 73 10.91 5.94 -32.03
CA GLY B 73 11.39 4.91 -32.94
C GLY B 73 11.34 3.51 -32.35
N ALA B 74 12.29 2.69 -32.78
CA ALA B 74 12.32 1.27 -32.42
C ALA B 74 12.92 1.06 -31.05
N PHE B 75 12.20 1.51 -30.03
CA PHE B 75 12.65 1.43 -28.65
C PHE B 75 11.52 0.88 -27.79
N THR B 76 11.26 -0.41 -27.95
CA THR B 76 10.15 -1.07 -27.26
C THR B 76 10.21 -0.85 -25.76
N GLY B 77 9.09 -0.35 -25.22
CA GLY B 77 8.93 -0.17 -23.78
C GLY B 77 9.17 1.25 -23.31
N GLU B 78 9.77 2.08 -24.17
CA GLU B 78 10.16 3.44 -23.78
C GLU B 78 9.18 4.50 -24.27
N VAL B 79 9.26 5.68 -23.65
CA VAL B 79 8.48 6.86 -24.07
C VAL B 79 9.44 7.99 -24.42
N SER B 80 9.25 8.61 -25.59
CA SER B 80 10.17 9.65 -26.06
C SER B 80 9.70 11.06 -25.69
N LEU B 81 10.62 12.01 -25.75
CA LEU B 81 10.31 13.40 -25.48
C LEU B 81 9.21 13.90 -26.42
N GLN B 82 9.25 13.50 -27.69
CA GLN B 82 8.23 13.99 -28.63
C GLN B 82 6.83 13.48 -28.29
N ILE B 83 6.74 12.23 -27.87
CA ILE B 83 5.48 11.65 -27.43
C ILE B 83 4.92 12.41 -26.20
N LEU B 84 5.79 12.73 -25.26
CA LEU B 84 5.39 13.53 -24.11
C LEU B 84 4.93 14.93 -24.55
N LYS B 85 5.70 15.57 -25.43
CA LYS B 85 5.35 16.91 -25.92
C LYS B 85 4.01 16.94 -26.67
N ASP B 86 3.76 15.93 -27.50
CA ASP B 86 2.46 15.82 -28.18
C ASP B 86 1.33 15.73 -27.15
N TYR B 87 1.64 15.17 -25.97
CA TYR B 87 0.64 15.00 -24.94
C TYR B 87 0.50 16.25 -24.06
N GLY B 88 1.31 17.25 -24.35
CA GLY B 88 1.25 18.50 -23.61
C GLY B 88 2.03 18.51 -22.31
N ILE B 89 2.97 17.58 -22.16
CA ILE B 89 3.85 17.58 -20.97
C ILE B 89 5.08 18.41 -21.28
N SER B 90 5.47 19.28 -20.35
CA SER B 90 6.59 20.21 -20.58
C SER B 90 7.64 20.21 -19.47
N TRP B 91 7.51 19.27 -18.52
CA TRP B 91 8.54 19.06 -17.50
C TRP B 91 9.02 17.60 -17.50
N VAL B 92 10.29 17.38 -17.21
CA VAL B 92 10.76 15.99 -17.11
C VAL B 92 11.89 15.88 -16.09
N VAL B 93 11.90 14.75 -15.37
CA VAL B 93 12.97 14.44 -14.41
C VAL B 93 13.94 13.52 -15.14
N LEU B 94 15.23 13.87 -15.14
CA LEU B 94 16.20 13.02 -15.83
C LEU B 94 17.41 12.77 -14.96
N GLY B 95 17.98 11.58 -15.08
CA GLY B 95 19.17 11.22 -14.33
C GLY B 95 18.91 10.80 -12.91
N HIS B 96 17.66 10.43 -12.59
CA HIS B 96 17.37 10.03 -11.23
C HIS B 96 18.34 8.94 -10.76
N SER B 97 18.69 8.99 -9.48
CA SER B 97 19.65 8.05 -8.92
C SER B 97 19.29 6.58 -9.16
N GLU B 98 18.00 6.27 -9.12
CA GLU B 98 17.53 4.91 -9.33
C GLU B 98 17.79 4.48 -10.76
N ARG B 99 17.73 5.43 -11.70
CA ARG B 99 17.98 5.09 -13.10
C ARG B 99 19.47 4.95 -13.41
N ARG B 100 20.30 5.78 -12.79
CA ARG B 100 21.75 5.62 -12.89
C ARG B 100 22.19 4.28 -12.30
N ALA B 101 21.51 3.84 -11.23
CA ALA B 101 21.93 2.60 -10.57
C ALA B 101 21.38 1.33 -11.21
N TYR B 102 20.09 1.34 -11.54
CA TYR B 102 19.39 0.15 -11.99
C TYR B 102 19.33 -0.01 -13.51
N TYR B 103 19.30 1.11 -14.23
CA TYR B 103 18.89 1.09 -15.62
C TYR B 103 19.95 1.63 -16.59
N GLY B 104 21.21 1.54 -16.16
CA GLY B 104 22.34 1.79 -17.02
C GLY B 104 22.55 3.22 -17.50
N GLU B 105 21.94 4.18 -16.83
CA GLU B 105 22.08 5.58 -17.27
C GLU B 105 23.42 6.17 -16.85
N THR B 106 24.27 6.33 -17.85
CA THR B 106 25.59 6.91 -17.66
C THR B 106 25.51 8.43 -17.75
N ASN B 107 26.58 9.11 -17.37
CA ASN B 107 26.61 10.57 -17.49
C ASN B 107 26.27 11.00 -18.91
N GLU B 108 26.82 10.28 -19.89
CA GLU B 108 26.63 10.63 -21.29
C GLU B 108 25.19 10.42 -21.74
N ILE B 109 24.60 9.31 -21.31
CA ILE B 109 23.21 9.04 -21.62
C ILE B 109 22.31 10.11 -21.02
N VAL B 110 22.54 10.45 -19.76
CA VAL B 110 21.75 11.49 -19.10
C VAL B 110 21.94 12.83 -19.81
N ALA B 111 23.19 13.19 -20.07
CA ALA B 111 23.48 14.43 -20.77
C ALA B 111 22.79 14.51 -22.13
N ASP B 112 22.78 13.42 -22.91
CA ASP B 112 22.11 13.46 -24.21
C ASP B 112 20.61 13.72 -24.06
N LYS B 113 20.00 13.03 -23.09
CA LYS B 113 18.57 13.20 -22.84
C LYS B 113 18.28 14.64 -22.42
N VAL B 114 19.09 15.18 -21.51
CA VAL B 114 18.84 16.53 -21.03
C VAL B 114 18.91 17.53 -22.18
N ALA B 115 19.94 17.41 -23.01
CA ALA B 115 20.13 18.34 -24.13
C ALA B 115 18.90 18.27 -25.04
N ALA B 116 18.44 17.05 -25.31
CA ALA B 116 17.29 16.86 -26.18
C ALA B 116 16.02 17.45 -25.58
N ALA B 117 15.83 17.25 -24.27
CA ALA B 117 14.65 17.79 -23.60
C ALA B 117 14.60 19.32 -23.65
N VAL B 118 15.73 19.96 -23.34
CA VAL B 118 15.76 21.41 -23.37
C VAL B 118 15.47 21.89 -24.80
N ALA B 119 16.04 21.20 -25.77
CA ALA B 119 15.87 21.60 -27.18
C ALA B 119 14.39 21.56 -27.59
N SER B 120 13.65 20.64 -26.99
CA SER B 120 12.24 20.44 -27.34
C SER B 120 11.30 21.15 -26.36
N GLY B 121 11.83 22.15 -25.66
CA GLY B 121 11.02 23.06 -24.88
C GLY B 121 10.66 22.60 -23.48
N PHE B 122 11.32 21.57 -22.98
CA PHE B 122 11.03 21.08 -21.63
C PHE B 122 11.80 21.86 -20.57
N HIS B 123 11.20 21.96 -19.39
CA HIS B 123 11.97 22.27 -18.19
C HIS B 123 12.47 20.92 -17.69
N VAL B 124 13.73 20.85 -17.28
CA VAL B 124 14.32 19.58 -16.86
C VAL B 124 14.83 19.67 -15.43
N ILE B 125 14.41 18.73 -14.59
CA ILE B 125 15.04 18.55 -13.30
C ILE B 125 16.13 17.50 -13.45
N VAL B 126 17.38 17.94 -13.48
CA VAL B 126 18.55 17.10 -13.70
C VAL B 126 19.07 16.68 -12.34
N CYS B 127 19.09 15.37 -12.09
CA CYS B 127 19.49 14.84 -10.79
C CYS B 127 20.96 14.45 -10.80
N VAL B 128 21.67 14.83 -9.73
CA VAL B 128 23.05 14.42 -9.52
C VAL B 128 23.17 13.91 -8.08
N GLY B 129 24.21 13.15 -7.78
CA GLY B 129 24.40 12.71 -6.42
C GLY B 129 25.39 11.57 -6.31
N GLU B 130 26.08 11.51 -5.17
CA GLU B 130 27.12 10.50 -4.96
C GLU B 130 26.66 9.42 -3.98
N THR B 131 27.21 8.23 -4.13
CA THR B 131 26.89 7.10 -3.26
C THR B 131 27.73 7.14 -1.98
N ASN B 132 27.43 6.23 -1.06
CA ASN B 132 28.17 6.16 0.19
C ASN B 132 29.64 5.85 -0.03
N GLU B 133 29.91 4.90 -0.92
CA GLU B 133 31.28 4.50 -1.24
C GLU B 133 32.05 5.71 -1.74
N GLU B 134 31.40 6.50 -2.58
CA GLU B 134 32.04 7.65 -3.19
C GLU B 134 32.31 8.75 -2.14
N ARG B 135 31.33 9.01 -1.29
CA ARG B 135 31.50 10.01 -0.24
C ARG B 135 32.58 9.60 0.76
N GLU B 136 32.58 8.33 1.14
CA GLU B 136 33.57 7.85 2.09
C GLU B 136 34.98 7.95 1.52
N ALA B 137 35.09 7.90 0.19
CA ALA B 137 36.39 8.00 -0.48
C ALA B 137 36.83 9.45 -0.68
N GLY B 138 35.99 10.40 -0.27
CA GLY B 138 36.31 11.81 -0.39
C GLY B 138 36.05 12.33 -1.80
N ARG B 139 35.13 11.67 -2.50
CA ARG B 139 34.93 11.95 -3.93
C ARG B 139 33.63 12.67 -4.24
N THR B 140 32.97 13.19 -3.21
CA THR B 140 31.69 13.88 -3.40
C THR B 140 31.77 14.93 -4.50
N ALA B 141 32.67 15.89 -4.35
CA ALA B 141 32.73 16.99 -5.29
C ALA B 141 33.07 16.47 -6.66
N ALA B 142 34.10 15.64 -6.75
CA ALA B 142 34.51 15.10 -8.04
C ALA B 142 33.34 14.43 -8.77
N VAL B 143 32.59 13.61 -8.04
CA VAL B 143 31.49 12.88 -8.65
C VAL B 143 30.36 13.80 -9.11
N VAL B 144 29.88 14.70 -8.24
CA VAL B 144 28.73 15.50 -8.64
C VAL B 144 29.10 16.52 -9.71
N LEU B 145 30.33 17.04 -9.66
CA LEU B 145 30.75 18.02 -10.66
C LEU B 145 31.03 17.36 -12.01
N THR B 146 31.41 16.09 -11.98
CA THR B 146 31.55 15.32 -13.20
C THR B 146 30.17 15.09 -13.82
N GLN B 147 29.22 14.66 -13.00
CA GLN B 147 27.84 14.53 -13.48
C GLN B 147 27.35 15.86 -14.04
N LEU B 148 27.63 16.96 -13.33
CA LEU B 148 27.13 18.27 -13.74
C LEU B 148 27.82 18.72 -15.03
N ALA B 149 29.15 18.58 -15.07
CA ALA B 149 29.91 19.03 -16.23
C ALA B 149 29.52 18.27 -17.51
N ALA B 150 29.14 17.00 -17.37
CA ALA B 150 28.76 16.21 -18.53
C ALA B 150 27.49 16.80 -19.15
N VAL B 151 26.54 17.15 -18.28
CA VAL B 151 25.33 17.81 -18.73
C VAL B 151 25.66 19.17 -19.35
N ALA B 152 26.42 19.99 -18.64
CA ALA B 152 26.73 21.34 -19.08
C ALA B 152 27.40 21.37 -20.46
N GLN B 153 28.25 20.37 -20.73
CA GLN B 153 28.97 20.32 -22.00
C GLN B 153 28.03 20.26 -23.20
N LYS B 154 26.87 19.63 -23.02
CA LYS B 154 25.90 19.51 -24.13
C LYS B 154 24.89 20.65 -24.18
N LEU B 155 25.05 21.64 -23.31
CA LEU B 155 24.15 22.78 -23.24
C LEU B 155 24.93 24.07 -23.52
N SER B 156 24.22 25.13 -23.89
CA SER B 156 24.85 26.45 -23.93
C SER B 156 24.02 27.40 -23.05
N LYS B 157 24.53 28.61 -22.83
CA LYS B 157 23.95 29.46 -21.77
C LYS B 157 22.43 29.66 -21.91
N GLU B 158 21.93 29.70 -23.15
CA GLU B 158 20.50 29.93 -23.38
C GLU B 158 19.60 28.85 -22.80
N ALA B 159 20.15 27.65 -22.63
CA ALA B 159 19.35 26.51 -22.20
C ALA B 159 19.03 26.63 -20.72
N TRP B 160 19.87 27.36 -19.99
CA TRP B 160 19.82 27.30 -18.54
C TRP B 160 18.55 27.85 -17.86
N SER B 161 17.79 28.68 -18.57
CA SER B 161 16.53 29.18 -18.02
C SER B 161 15.55 28.03 -17.79
N ARG B 162 15.79 26.90 -18.46
CA ARG B 162 14.89 25.76 -18.36
C ARG B 162 15.53 24.60 -17.61
N VAL B 163 16.68 24.86 -16.99
CA VAL B 163 17.37 23.80 -16.26
C VAL B 163 17.16 23.98 -14.75
N VAL B 164 16.91 22.87 -14.07
CA VAL B 164 16.86 22.84 -12.60
C VAL B 164 17.74 21.68 -12.19
N ILE B 165 18.55 21.86 -11.14
CA ILE B 165 19.38 20.76 -10.64
C ILE B 165 18.77 20.22 -9.34
N ALA B 166 18.79 18.90 -9.17
CA ALA B 166 18.41 18.32 -7.89
C ALA B 166 19.55 17.47 -7.34
N TYR B 167 19.93 17.74 -6.10
CA TYR B 167 20.99 16.97 -5.46
C TYR B 167 20.40 15.85 -4.62
N GLU B 168 20.78 14.61 -4.95
CA GLU B 168 20.36 13.42 -4.19
C GLU B 168 21.51 12.90 -3.36
N PRO B 169 21.43 13.05 -2.03
CA PRO B 169 22.46 12.45 -1.17
C PRO B 169 22.21 10.96 -1.04
N VAL B 170 22.53 10.22 -2.11
CA VAL B 170 22.28 8.79 -2.16
C VAL B 170 23.00 8.09 -1.00
N TRP B 171 24.14 8.66 -0.63
CA TRP B 171 24.95 8.15 0.48
C TRP B 171 24.16 8.01 1.77
N ALA B 172 23.13 8.85 1.94
CA ALA B 172 22.27 8.76 3.11
C ALA B 172 21.18 7.72 2.89
N ALA B 179 21.05 13.19 6.05
CA ALA B 179 21.93 14.34 5.83
C ALA B 179 21.46 15.54 6.64
N THR B 180 22.42 16.29 7.15
CA THR B 180 22.10 17.53 7.83
C THR B 180 21.91 18.64 6.81
N PRO B 181 21.22 19.72 7.23
CA PRO B 181 21.07 20.85 6.32
C PRO B 181 22.42 21.42 5.90
N GLN B 182 23.38 21.43 6.81
CA GLN B 182 24.75 21.87 6.45
C GLN B 182 25.42 20.98 5.39
N GLN B 183 25.25 19.67 5.52
CA GLN B 183 25.75 18.73 4.50
C GLN B 183 25.13 18.98 3.13
N ALA B 184 23.82 19.21 3.10
CA ALA B 184 23.14 19.58 1.85
C ALA B 184 23.69 20.89 1.31
N GLN B 185 23.73 21.91 2.15
CA GLN B 185 24.17 23.23 1.73
C GLN B 185 25.58 23.19 1.15
N GLU B 186 26.44 22.35 1.72
CA GLU B 186 27.81 22.24 1.25
C GLU B 186 27.86 21.79 -0.22
N VAL B 187 27.07 20.78 -0.57
CA VAL B 187 26.98 20.35 -1.96
C VAL B 187 26.27 21.37 -2.86
N HIS B 188 25.16 21.95 -2.39
CA HIS B 188 24.45 22.94 -3.19
C HIS B 188 25.37 24.11 -3.53
N GLU B 189 26.15 24.57 -2.55
CA GLU B 189 27.03 25.70 -2.78
C GLU B 189 28.11 25.36 -3.81
N LEU B 190 28.68 24.16 -3.69
CA LEU B 190 29.72 23.68 -4.61
C LEU B 190 29.17 23.60 -6.02
N LEU B 191 27.92 23.16 -6.16
CA LEU B 191 27.27 23.09 -7.47
C LEU B 191 27.10 24.48 -8.08
N ARG B 192 26.57 25.42 -7.29
CA ARG B 192 26.26 26.76 -7.78
C ARG B 192 27.54 27.49 -8.14
N ARG B 193 28.58 27.32 -7.34
CA ARG B 193 29.85 28.00 -7.61
C ARG B 193 30.46 27.52 -8.93
N TRP B 194 30.32 26.23 -9.20
CA TRP B 194 30.81 25.68 -10.46
C TRP B 194 30.08 26.32 -11.62
N VAL B 195 28.75 26.36 -11.51
CA VAL B 195 27.95 27.04 -12.53
C VAL B 195 28.38 28.50 -12.70
N ARG B 196 28.60 29.21 -11.59
CA ARG B 196 28.98 30.62 -11.67
C ARG B 196 30.29 30.77 -12.45
N SER B 197 31.22 29.85 -12.22
CA SER B 197 32.52 29.93 -12.86
C SER B 197 32.45 29.67 -14.37
N LYS B 198 31.48 28.83 -14.77
CA LYS B 198 31.36 28.43 -16.17
C LYS B 198 30.38 29.26 -17.00
N LEU B 199 29.32 29.74 -16.34
CA LEU B 199 28.21 30.39 -17.04
C LEU B 199 27.93 31.83 -16.63
N GLY B 200 28.52 32.26 -15.51
CA GLY B 200 28.44 33.65 -15.10
C GLY B 200 27.51 33.91 -13.94
N THR B 201 27.54 35.15 -13.44
CA THR B 201 26.76 35.57 -12.28
C THR B 201 25.24 35.39 -12.43
N ASP B 202 24.70 35.83 -13.56
CA ASP B 202 23.25 35.81 -13.77
C ASP B 202 22.69 34.40 -13.78
N ILE B 203 23.28 33.51 -14.59
CA ILE B 203 22.80 32.13 -14.69
C ILE B 203 22.84 31.45 -13.32
N ALA B 204 23.94 31.62 -12.62
CA ALA B 204 24.14 31.00 -11.30
C ALA B 204 23.15 31.52 -10.25
N ALA B 205 22.83 32.81 -10.32
CA ALA B 205 21.92 33.39 -9.35
C ALA B 205 20.48 32.95 -9.59
N GLN B 206 20.16 32.70 -10.85
CA GLN B 206 18.79 32.35 -11.23
C GLN B 206 18.51 30.85 -11.16
N LEU B 207 19.57 30.05 -11.01
CA LEU B 207 19.43 28.60 -11.05
C LEU B 207 18.73 28.06 -9.82
N ARG B 208 17.75 27.19 -10.01
CA ARG B 208 17.17 26.45 -8.88
C ARG B 208 17.95 25.17 -8.64
N ILE B 209 18.43 24.99 -7.41
CA ILE B 209 19.05 23.75 -6.98
C ILE B 209 18.20 23.19 -5.85
N LEU B 210 17.58 22.05 -6.10
CA LEU B 210 16.63 21.45 -5.17
C LEU B 210 17.29 20.35 -4.39
N TYR B 211 16.91 20.21 -3.12
CA TYR B 211 17.37 19.11 -2.30
C TYR B 211 16.46 17.90 -2.53
N GLY B 212 17.06 16.74 -2.79
CA GLY B 212 16.30 15.55 -3.13
C GLY B 212 16.58 14.36 -2.21
N GLY B 213 16.96 14.68 -0.99
CA GLY B 213 17.14 13.70 0.06
C GLY B 213 15.81 13.51 0.75
N SER B 214 15.84 12.95 1.95
CA SER B 214 14.60 12.71 2.70
C SER B 214 14.02 14.02 3.21
N VAL B 215 12.89 14.41 2.65
CA VAL B 215 12.23 15.64 3.06
C VAL B 215 10.92 15.34 3.77
N THR B 216 10.69 16.00 4.91
CA THR B 216 9.49 15.84 5.71
C THR B 216 8.92 17.20 6.07
N ALA B 217 7.67 17.21 6.54
CA ALA B 217 7.04 18.44 7.00
C ALA B 217 7.88 19.03 8.13
N LYS B 218 8.56 18.18 8.88
CA LYS B 218 9.32 18.62 10.04
C LYS B 218 10.65 19.30 9.68
N ASN B 219 11.37 18.73 8.72
CA ASN B 219 12.72 19.21 8.38
C ASN B 219 12.78 20.19 7.21
N ALA B 220 11.66 20.35 6.51
CA ALA B 220 11.65 21.11 5.26
C ALA B 220 12.06 22.58 5.44
N ARG B 221 11.55 23.22 6.48
CA ARG B 221 11.87 24.63 6.68
C ARG B 221 13.36 24.84 6.94
N THR B 222 13.94 24.00 7.80
CA THR B 222 15.36 24.11 8.11
C THR B 222 16.21 23.97 6.86
N LEU B 223 15.79 23.09 5.95
CA LEU B 223 16.51 22.95 4.68
C LEU B 223 16.32 24.18 3.80
N TYR B 224 15.09 24.66 3.67
CA TYR B 224 14.85 25.80 2.79
C TYR B 224 15.64 27.02 3.25
N GLN B 225 15.92 27.09 4.56
CA GLN B 225 16.67 28.19 5.15
C GLN B 225 18.11 28.34 4.66
N MET B 226 18.69 27.27 4.15
CA MET B 226 20.08 27.35 3.73
C MET B 226 20.22 28.20 2.46
N ARG B 227 21.37 28.87 2.33
CA ARG B 227 21.55 29.90 1.30
C ARG B 227 21.31 29.43 -0.13
N ASP B 228 21.72 28.21 -0.41
CA ASP B 228 21.75 27.74 -1.80
C ASP B 228 20.75 26.64 -2.11
N ILE B 229 19.77 26.47 -1.24
CA ILE B 229 18.70 25.51 -1.44
C ILE B 229 17.42 26.21 -1.91
N ASN B 230 16.87 25.78 -3.05
CA ASN B 230 15.71 26.45 -3.63
C ASN B 230 14.44 25.60 -3.67
N GLY B 231 14.35 24.60 -2.82
CA GLY B 231 13.18 23.75 -2.82
C GLY B 231 13.57 22.28 -2.82
N PHE B 232 12.64 21.44 -3.28
CA PHE B 232 12.77 20.01 -3.00
C PHE B 232 12.31 19.13 -4.14
N LEU B 233 12.97 17.98 -4.25
CA LEU B 233 12.49 16.87 -5.08
C LEU B 233 12.14 15.79 -4.08
N VAL B 234 10.85 15.56 -3.88
CA VAL B 234 10.37 14.77 -2.74
C VAL B 234 9.98 13.36 -3.13
N GLY B 235 10.44 12.37 -2.36
CA GLY B 235 10.07 10.98 -2.60
C GLY B 235 8.76 10.57 -1.95
N GLY B 236 8.83 9.64 -1.02
CA GLY B 236 7.66 9.04 -0.41
C GLY B 236 6.63 9.99 0.19
N ALA B 237 7.12 11.06 0.81
CA ALA B 237 6.20 12.04 1.37
C ALA B 237 5.31 12.69 0.30
N SER B 238 5.71 12.60 -0.96
CA SER B 238 4.92 13.26 -2.00
C SER B 238 3.64 12.50 -2.35
N LEU B 239 3.52 11.27 -1.85
CA LEU B 239 2.29 10.50 -2.02
C LEU B 239 1.33 10.71 -0.86
N LYS B 240 1.67 11.65 0.03
CA LYS B 240 0.91 11.85 1.25
C LYS B 240 0.48 13.32 1.40
N PRO B 241 -0.52 13.55 2.25
CA PRO B 241 -0.95 14.92 2.57
C PRO B 241 0.19 15.78 3.12
N GLU B 242 1.24 15.15 3.62
CA GLU B 242 2.39 15.85 4.17
C GLU B 242 3.04 16.75 3.12
N PHE B 243 2.85 16.41 1.85
CA PHE B 243 3.44 17.22 0.77
C PHE B 243 2.95 18.66 0.86
N VAL B 244 1.70 18.85 1.28
CA VAL B 244 1.14 20.18 1.46
C VAL B 244 2.01 21.03 2.39
N GLU B 245 2.45 20.43 3.49
CA GLU B 245 3.28 21.15 4.45
C GLU B 245 4.67 21.44 3.90
N ILE B 246 5.15 20.55 3.04
CA ILE B 246 6.43 20.78 2.40
C ILE B 246 6.37 21.97 1.45
N ILE B 247 5.26 22.12 0.72
CA ILE B 247 5.11 23.28 -0.13
C ILE B 247 5.15 24.55 0.72
N GLU B 248 4.46 24.50 1.86
CA GLU B 248 4.40 25.66 2.75
C GLU B 248 5.78 26.07 3.26
N ALA B 249 6.72 25.12 3.32
CA ALA B 249 8.06 25.39 3.80
C ALA B 249 8.89 26.23 2.83
N THR B 250 8.39 26.44 1.61
CA THR B 250 9.11 27.26 0.63
C THR B 250 8.62 28.69 0.65
N LYS B 251 7.74 29.01 1.60
CA LYS B 251 7.18 30.35 1.70
C LYS B 251 8.06 31.22 2.57
N LYS C 4 -23.33 -30.83 0.73
CA LYS C 4 -22.58 -29.84 1.50
C LYS C 4 -23.38 -29.34 2.70
N PRO C 5 -22.67 -28.93 3.76
CA PRO C 5 -23.36 -28.23 4.86
C PRO C 5 -23.87 -26.85 4.44
N GLN C 6 -24.68 -26.23 5.29
CA GLN C 6 -25.14 -24.86 5.04
C GLN C 6 -23.96 -23.94 4.74
N PRO C 7 -24.00 -23.24 3.60
CA PRO C 7 -22.92 -22.30 3.25
C PRO C 7 -22.92 -21.03 4.09
N ILE C 8 -21.77 -20.36 4.12
CA ILE C 8 -21.67 -19.05 4.77
C ILE C 8 -21.10 -18.01 3.81
N ALA C 9 -21.78 -16.87 3.70
CA ALA C 9 -21.24 -15.71 2.99
C ALA C 9 -20.95 -14.60 4.00
N ALA C 10 -19.68 -14.42 4.33
CA ALA C 10 -19.27 -13.49 5.39
C ALA C 10 -18.60 -12.24 4.81
N ALA C 11 -19.04 -11.07 5.26
CA ALA C 11 -18.48 -9.79 4.81
C ALA C 11 -17.54 -9.22 5.86
N ASN C 12 -16.23 -9.27 5.61
CA ASN C 12 -15.26 -8.63 6.50
C ASN C 12 -14.99 -7.21 6.01
N TRP C 13 -15.62 -6.23 6.65
CA TRP C 13 -15.47 -4.83 6.24
C TRP C 13 -14.08 -4.27 6.61
N LYS C 14 -13.33 -5.02 7.40
CA LYS C 14 -11.99 -4.61 7.85
C LYS C 14 -12.03 -3.21 8.47
N CYS C 15 -10.97 -2.43 8.30
CA CYS C 15 -10.96 -1.12 8.92
C CYS C 15 -11.47 -0.06 7.94
N ASN C 16 -12.78 -0.09 7.68
CA ASN C 16 -13.39 0.77 6.67
C ASN C 16 -14.81 1.15 7.04
N GLY C 17 -15.26 2.27 6.50
CA GLY C 17 -16.65 2.64 6.58
C GLY C 17 -16.90 3.97 7.26
N SER C 18 -17.99 4.62 6.86
CA SER C 18 -18.48 5.80 7.54
C SER C 18 -19.93 5.52 7.90
N GLN C 19 -20.53 6.34 8.75
CA GLN C 19 -21.91 6.13 9.12
C GLN C 19 -22.78 6.18 7.88
N GLN C 20 -22.49 7.13 7.00
CA GLN C 20 -23.27 7.29 5.77
C GLN C 20 -23.12 6.12 4.80
N SER C 21 -21.87 5.71 4.55
CA SER C 21 -21.63 4.66 3.56
C SER C 21 -22.15 3.30 4.02
N LEU C 22 -21.94 2.99 5.29
CA LEU C 22 -22.38 1.68 5.78
C LEU C 22 -23.90 1.62 5.91
N SER C 23 -24.53 2.75 6.22
CA SER C 23 -25.99 2.79 6.29
C SER C 23 -26.63 2.51 4.93
N GLU C 24 -26.03 3.05 3.88
CA GLU C 24 -26.50 2.75 2.51
C GLU C 24 -26.40 1.25 2.23
N LEU C 25 -25.28 0.65 2.64
CA LEU C 25 -25.06 -0.77 2.42
C LEU C 25 -26.05 -1.61 3.23
N ILE C 26 -26.32 -1.18 4.46
CA ILE C 26 -27.25 -1.90 5.32
C ILE C 26 -28.67 -1.81 4.74
N ASP C 27 -28.99 -0.66 4.14
CA ASP C 27 -30.29 -0.48 3.51
C ASP C 27 -30.46 -1.47 2.36
N LEU C 28 -29.39 -1.72 1.64
CA LEU C 28 -29.43 -2.65 0.51
C LEU C 28 -29.62 -4.08 1.00
N PHE C 29 -28.85 -4.46 2.02
CA PHE C 29 -29.02 -5.77 2.61
C PHE C 29 -30.46 -5.96 3.08
N ASN C 30 -31.04 -4.94 3.70
CA ASN C 30 -32.39 -5.05 4.22
C ASN C 30 -33.42 -5.37 3.12
N SER C 31 -33.23 -4.77 1.96
CA SER C 31 -34.21 -4.89 0.88
C SER C 31 -33.89 -6.06 -0.03
N THR C 32 -32.87 -6.83 0.31
CA THR C 32 -32.47 -7.96 -0.51
C THR C 32 -33.05 -9.25 0.04
N SER C 33 -34.04 -9.81 -0.65
CA SER C 33 -34.65 -11.05 -0.22
C SER C 33 -33.74 -12.22 -0.57
N ILE C 34 -33.35 -12.97 0.45
CA ILE C 34 -32.46 -14.11 0.25
C ILE C 34 -33.25 -15.41 0.39
N ASN C 35 -33.30 -16.15 -0.70
CA ASN C 35 -34.30 -17.19 -0.91
C ASN C 35 -33.85 -18.60 -0.51
N HIS C 36 -32.54 -18.79 -0.39
CA HIS C 36 -32.00 -20.11 -0.11
C HIS C 36 -31.32 -20.20 1.26
N ASP C 37 -30.96 -21.42 1.66
CA ASP C 37 -30.36 -21.65 2.98
C ASP C 37 -28.89 -21.25 3.01
N VAL C 38 -28.63 -20.02 3.44
CA VAL C 38 -27.27 -19.54 3.61
C VAL C 38 -27.24 -18.70 4.88
N GLN C 39 -26.15 -18.79 5.63
CA GLN C 39 -25.97 -17.90 6.76
C GLN C 39 -25.09 -16.75 6.30
N CYS C 40 -25.66 -15.55 6.26
CA CYS C 40 -24.89 -14.38 5.87
C CYS C 40 -24.32 -13.78 7.14
N VAL C 41 -23.11 -13.24 7.05
CA VAL C 41 -22.47 -12.63 8.19
C VAL C 41 -21.84 -11.31 7.76
N VAL C 42 -21.96 -10.29 8.60
CA VAL C 42 -21.26 -9.05 8.32
C VAL C 42 -20.44 -8.68 9.54
N ALA C 43 -19.18 -8.32 9.32
CA ALA C 43 -18.29 -7.97 10.42
C ALA C 43 -17.82 -6.53 10.28
N PRO C 44 -18.53 -5.58 10.92
CA PRO C 44 -18.13 -4.17 10.94
C PRO C 44 -17.04 -3.95 11.98
N THR C 45 -16.32 -2.83 11.93
CA THR C 45 -15.43 -2.45 13.04
C THR C 45 -16.25 -2.37 14.31
N PHE C 46 -15.60 -2.52 15.48
CA PHE C 46 -16.33 -2.39 16.74
C PHE C 46 -17.16 -1.12 16.78
N LEU C 47 -16.60 -0.02 16.30
CA LEU C 47 -17.28 1.27 16.39
C LEU C 47 -18.60 1.29 15.63
N HIS C 48 -18.68 0.47 14.58
CA HIS C 48 -19.87 0.43 13.73
C HIS C 48 -20.85 -0.68 14.10
N ILE C 49 -20.47 -1.57 15.02
CA ILE C 49 -21.39 -2.63 15.42
C ILE C 49 -22.72 -2.14 15.98
N PRO C 50 -22.70 -1.14 16.88
CA PRO C 50 -23.99 -0.70 17.41
C PRO C 50 -24.95 -0.18 16.34
N MET C 51 -24.47 0.61 15.38
CA MET C 51 -25.35 1.13 14.34
C MET C 51 -25.85 0.02 13.42
N THR C 52 -25.01 -0.98 13.18
CA THR C 52 -25.38 -2.09 12.33
C THR C 52 -26.43 -2.95 13.01
N LYS C 53 -26.22 -3.26 14.29
CA LYS C 53 -27.20 -4.05 15.01
C LYS C 53 -28.55 -3.33 15.11
N ALA C 54 -28.51 -2.00 15.18
CA ALA C 54 -29.74 -1.21 15.28
C ALA C 54 -30.53 -1.15 13.98
N ARG C 55 -29.84 -1.29 12.84
CA ARG C 55 -30.45 -1.03 11.53
C ARG C 55 -30.67 -2.26 10.67
N LEU C 56 -29.86 -3.29 10.88
CA LEU C 56 -29.92 -4.49 10.05
C LEU C 56 -31.12 -5.35 10.39
N THR C 57 -32.02 -5.56 9.43
CA THR C 57 -33.26 -6.29 9.69
C THR C 57 -33.36 -7.61 8.93
N ASN C 58 -32.49 -7.80 7.94
CA ASN C 58 -32.49 -9.01 7.14
C ASN C 58 -32.24 -10.24 8.02
N PRO C 59 -33.21 -11.15 8.08
CA PRO C 59 -33.15 -12.30 9.00
C PRO C 59 -32.06 -13.31 8.68
N LYS C 60 -31.54 -13.28 7.47
CA LYS C 60 -30.50 -14.22 7.05
C LYS C 60 -29.11 -13.75 7.49
N PHE C 61 -29.05 -12.59 8.12
CA PHE C 61 -27.77 -12.03 8.55
C PHE C 61 -27.51 -12.15 10.05
N GLN C 62 -26.26 -12.44 10.40
CA GLN C 62 -25.74 -12.32 11.76
C GLN C 62 -24.59 -11.33 11.73
N ILE C 63 -24.41 -10.61 12.83
CA ILE C 63 -23.33 -9.64 12.92
C ILE C 63 -22.15 -10.27 13.65
N ALA C 64 -20.95 -10.06 13.12
CA ALA C 64 -19.76 -10.58 13.76
C ALA C 64 -18.80 -9.45 14.11
N ALA C 65 -18.00 -9.67 15.14
CA ALA C 65 -16.83 -8.84 15.41
C ALA C 65 -15.63 -9.36 14.62
N GLN C 66 -14.70 -8.48 14.28
CA GLN C 66 -13.53 -8.85 13.49
C GLN C 66 -12.39 -9.45 14.31
N ASN C 67 -12.50 -9.30 15.63
CA ASN C 67 -11.50 -9.78 16.57
C ASN C 67 -12.10 -9.63 17.95
N ALA C 68 -11.47 -10.26 18.93
CA ALA C 68 -11.81 -10.05 20.34
C ALA C 68 -10.64 -10.53 21.17
N ILE C 69 -10.64 -10.16 22.46
CA ILE C 69 -9.77 -10.85 23.41
C ILE C 69 -10.62 -11.73 24.31
N THR C 70 -9.96 -12.63 25.01
CA THR C 70 -10.63 -13.66 25.78
C THR C 70 -11.54 -13.10 26.87
N ARG C 71 -10.98 -12.24 27.72
CA ARG C 71 -11.69 -11.72 28.89
C ARG C 71 -11.52 -10.22 29.07
N SER C 72 -12.50 -9.62 29.72
CA SER C 72 -12.43 -8.22 30.10
C SER C 72 -11.35 -8.03 31.17
N GLY C 73 -10.83 -6.80 31.24
CA GLY C 73 -9.86 -6.44 32.25
C GLY C 73 -8.92 -5.38 31.72
N ALA C 74 -7.68 -5.44 32.20
CA ALA C 74 -6.73 -4.34 31.99
C ALA C 74 -6.01 -4.48 30.67
N PHE C 75 -6.76 -4.30 29.58
CA PHE C 75 -6.23 -4.44 28.23
C PHE C 75 -6.69 -3.27 27.39
N THR C 76 -6.06 -2.13 27.61
CA THR C 76 -6.46 -0.89 26.97
C THR C 76 -6.49 -1.03 25.44
N GLY C 77 -7.56 -0.53 24.82
CA GLY C 77 -7.70 -0.55 23.37
C GLY C 77 -8.42 -1.76 22.79
N GLU C 78 -8.62 -2.81 23.60
CA GLU C 78 -9.21 -4.07 23.14
C GLU C 78 -10.67 -4.25 23.54
N VAL C 79 -11.37 -5.14 22.83
CA VAL C 79 -12.75 -5.48 23.19
C VAL C 79 -12.83 -6.98 23.46
N SER C 80 -13.43 -7.37 24.59
CA SER C 80 -13.49 -8.78 24.96
C SER C 80 -14.74 -9.49 24.46
N LEU C 81 -14.65 -10.82 24.42
CA LEU C 81 -15.79 -11.68 24.13
C LEU C 81 -16.94 -11.39 25.08
N GLN C 82 -16.62 -11.18 26.36
CA GLN C 82 -17.64 -10.89 27.35
C GLN C 82 -18.44 -9.62 27.01
N ILE C 83 -17.74 -8.56 26.60
CA ILE C 83 -18.37 -7.30 26.21
C ILE C 83 -19.21 -7.44 24.94
N LEU C 84 -18.71 -8.20 23.97
CA LEU C 84 -19.46 -8.50 22.76
C LEU C 84 -20.75 -9.28 23.08
N LYS C 85 -20.65 -10.27 23.97
CA LYS C 85 -21.82 -11.07 24.33
C LYS C 85 -22.91 -10.21 25.00
N ASP C 86 -22.48 -9.31 25.86
CA ASP C 86 -23.40 -8.37 26.49
C ASP C 86 -24.11 -7.52 25.45
N TYR C 87 -23.43 -7.23 24.34
CA TYR C 87 -24.02 -6.43 23.28
C TYR C 87 -24.77 -7.29 22.25
N GLY C 88 -25.02 -8.55 22.61
CA GLY C 88 -25.81 -9.43 21.76
C GLY C 88 -25.13 -9.93 20.50
N ILE C 89 -23.80 -9.87 20.46
CA ILE C 89 -23.06 -10.40 19.32
C ILE C 89 -22.64 -11.84 19.58
N SER C 90 -22.87 -12.72 18.61
CA SER C 90 -22.63 -14.15 18.81
C SER C 90 -21.79 -14.79 17.71
N TRP C 91 -21.21 -13.95 16.85
CA TRP C 91 -20.25 -14.41 15.84
C TRP C 91 -18.98 -13.58 15.96
N VAL C 92 -17.84 -14.21 15.69
CA VAL C 92 -16.56 -13.52 15.75
C VAL C 92 -15.54 -14.17 14.80
N VAL C 93 -14.75 -13.33 14.14
CA VAL C 93 -13.64 -13.75 13.32
C VAL C 93 -12.37 -13.74 14.15
N LEU C 94 -11.63 -14.84 14.15
CA LEU C 94 -10.42 -14.93 14.98
C LEU C 94 -9.24 -15.48 14.21
N GLY C 95 -8.07 -14.90 14.46
CA GLY C 95 -6.85 -15.35 13.82
C GLY C 95 -6.64 -14.89 12.39
N HIS C 96 -7.34 -13.83 11.97
CA HIS C 96 -7.15 -13.29 10.62
C HIS C 96 -5.67 -13.02 10.34
N SER C 97 -5.23 -13.34 9.12
CA SER C 97 -3.83 -13.18 8.72
C SER C 97 -3.21 -11.80 9.02
N GLU C 98 -4.01 -10.73 8.93
CA GLU C 98 -3.50 -9.39 9.20
C GLU C 98 -3.14 -9.24 10.66
N ARG C 99 -3.83 -9.98 11.52
CA ARG C 99 -3.55 -9.90 12.94
C ARG C 99 -2.36 -10.80 13.31
N ARG C 100 -2.26 -11.95 12.68
CA ARG C 100 -1.10 -12.80 12.89
C ARG C 100 0.16 -12.06 12.45
N ALA C 101 0.04 -11.29 11.36
CA ALA C 101 1.18 -10.58 10.76
C ALA C 101 1.59 -9.29 11.49
N TYR C 102 0.61 -8.48 11.87
CA TYR C 102 0.89 -7.14 12.40
C TYR C 102 0.85 -7.03 13.92
N TYR C 103 0.03 -7.85 14.56
CA TYR C 103 -0.30 -7.61 15.98
C TYR C 103 0.13 -8.76 16.87
N GLY C 104 1.04 -9.58 16.35
CA GLY C 104 1.71 -10.61 17.13
C GLY C 104 0.85 -11.78 17.57
N GLU C 105 -0.23 -12.07 16.85
CA GLU C 105 -1.11 -13.17 17.26
C GLU C 105 -0.53 -14.52 16.87
N THR C 106 -0.20 -15.28 17.89
CA THR C 106 0.45 -16.56 17.72
C THR C 106 -0.61 -17.64 17.69
N ASN C 107 -0.21 -18.86 17.32
CA ASN C 107 -1.15 -19.97 17.27
C ASN C 107 -1.80 -20.16 18.61
N GLU C 108 -0.98 -20.06 19.66
CA GLU C 108 -1.42 -20.17 21.05
C GLU C 108 -2.43 -19.08 21.44
N ILE C 109 -2.13 -17.84 21.11
CA ILE C 109 -3.03 -16.72 21.40
C ILE C 109 -4.38 -16.90 20.69
N VAL C 110 -4.34 -17.26 19.41
CA VAL C 110 -5.56 -17.53 18.66
C VAL C 110 -6.37 -18.67 19.28
N ALA C 111 -5.71 -19.79 19.54
CA ALA C 111 -6.37 -20.97 20.09
C ALA C 111 -7.08 -20.63 21.40
N ASP C 112 -6.42 -19.84 22.22
CA ASP C 112 -6.97 -19.45 23.51
C ASP C 112 -8.30 -18.71 23.34
N LYS C 113 -8.33 -17.78 22.38
CA LYS C 113 -9.50 -16.95 22.10
C LYS C 113 -10.63 -17.78 21.51
N VAL C 114 -10.29 -18.69 20.61
CA VAL C 114 -11.29 -19.54 19.98
C VAL C 114 -12.01 -20.37 21.04
N ALA C 115 -11.25 -20.95 21.94
CA ALA C 115 -11.83 -21.83 22.95
C ALA C 115 -12.79 -21.07 23.87
N ALA C 116 -12.37 -19.88 24.31
CA ALA C 116 -13.23 -19.04 25.14
C ALA C 116 -14.50 -18.62 24.39
N ALA C 117 -14.37 -18.31 23.11
CA ALA C 117 -15.51 -17.92 22.30
C ALA C 117 -16.55 -19.03 22.18
N VAL C 118 -16.12 -20.22 21.76
CA VAL C 118 -17.08 -21.31 21.58
C VAL C 118 -17.65 -21.76 22.91
N ALA C 119 -16.91 -21.49 23.98
CA ALA C 119 -17.36 -21.82 25.35
C ALA C 119 -18.39 -20.83 25.88
N SER C 120 -18.50 -19.67 25.24
CA SER C 120 -19.53 -18.70 25.60
C SER C 120 -20.56 -18.52 24.49
N GLY C 121 -20.71 -19.54 23.65
CA GLY C 121 -21.81 -19.62 22.70
C GLY C 121 -21.58 -18.98 21.35
N PHE C 122 -20.40 -18.44 21.13
CA PHE C 122 -20.07 -17.82 19.85
C PHE C 122 -19.89 -18.88 18.77
N HIS C 123 -20.32 -18.54 17.56
CA HIS C 123 -19.80 -19.19 16.36
C HIS C 123 -18.52 -18.43 16.02
N VAL C 124 -17.47 -19.16 15.70
CA VAL C 124 -16.17 -18.56 15.42
C VAL C 124 -15.74 -18.90 14.01
N ILE C 125 -15.33 -17.89 13.26
CA ILE C 125 -14.65 -18.14 12.00
C ILE C 125 -13.14 -18.10 12.30
N VAL C 126 -12.52 -19.28 12.35
CA VAL C 126 -11.10 -19.42 12.66
C VAL C 126 -10.29 -19.34 11.37
N CYS C 127 -9.39 -18.36 11.27
CA CYS C 127 -8.61 -18.17 10.06
C CYS C 127 -7.25 -18.86 10.11
N VAL C 128 -6.91 -19.54 9.03
CA VAL C 128 -5.61 -20.20 8.87
C VAL C 128 -5.09 -19.92 7.47
N GLY C 129 -3.79 -20.06 7.27
CA GLY C 129 -3.19 -19.83 5.97
C GLY C 129 -1.69 -19.65 6.02
N GLU C 130 -1.01 -20.00 4.93
CA GLU C 130 0.45 -19.96 4.90
C GLU C 130 0.98 -18.82 4.04
N THR C 131 2.20 -18.35 4.33
CA THR C 131 2.79 -17.25 3.58
C THR C 131 3.46 -17.75 2.32
N ASN C 132 3.90 -16.81 1.49
CA ASN C 132 4.59 -17.17 0.26
C ASN C 132 5.87 -17.99 0.51
N GLU C 133 6.68 -17.55 1.47
CA GLU C 133 7.91 -18.27 1.77
C GLU C 133 7.63 -19.64 2.38
N GLU C 134 6.49 -19.78 3.04
CA GLU C 134 6.11 -21.08 3.58
C GLU C 134 5.63 -22.02 2.48
N ARG C 135 4.79 -21.51 1.58
CA ARG C 135 4.36 -22.33 0.44
C ARG C 135 5.56 -22.78 -0.39
N GLU C 136 6.49 -21.86 -0.65
CA GLU C 136 7.63 -22.17 -1.51
C GLU C 136 8.62 -23.13 -0.86
N ALA C 137 8.59 -23.19 0.47
CA ALA C 137 9.39 -24.17 1.19
C ALA C 137 8.67 -25.50 1.25
N GLY C 138 7.53 -25.59 0.59
CA GLY C 138 6.72 -26.80 0.59
C GLY C 138 6.06 -27.09 1.92
N ARG C 139 5.76 -26.05 2.69
CA ARG C 139 5.24 -26.24 4.03
C ARG C 139 3.78 -25.84 4.22
N THR C 140 3.01 -25.83 3.14
CA THR C 140 1.59 -25.47 3.23
C THR C 140 0.87 -26.32 4.27
N ALA C 141 0.86 -27.64 4.06
CA ALA C 141 0.17 -28.56 4.95
C ALA C 141 0.69 -28.44 6.38
N ALA C 142 2.00 -28.46 6.52
CA ALA C 142 2.60 -28.35 7.85
C ALA C 142 2.10 -27.11 8.61
N VAL C 143 2.13 -25.96 7.94
CA VAL C 143 1.76 -24.70 8.56
C VAL C 143 0.27 -24.61 8.93
N VAL C 144 -0.62 -24.87 7.98
CA VAL C 144 -2.05 -24.70 8.26
C VAL C 144 -2.55 -25.77 9.23
N LEU C 145 -1.96 -26.96 9.19
CA LEU C 145 -2.34 -28.01 10.13
C LEU C 145 -1.79 -27.76 11.52
N THR C 146 -0.68 -27.03 11.60
CA THR C 146 -0.14 -26.65 12.90
C THR C 146 -1.03 -25.57 13.52
N GLN C 147 -1.51 -24.64 12.70
CA GLN C 147 -2.43 -23.63 13.15
C GLN C 147 -3.75 -24.25 13.63
N LEU C 148 -4.25 -25.22 12.89
CA LEU C 148 -5.53 -25.82 13.23
C LEU C 148 -5.40 -26.76 14.43
N ALA C 149 -4.26 -27.44 14.53
CA ALA C 149 -4.05 -28.36 15.63
C ALA C 149 -4.00 -27.61 16.95
N ALA C 150 -3.40 -26.43 16.92
CA ALA C 150 -3.32 -25.62 18.13
C ALA C 150 -4.71 -25.29 18.65
N VAL C 151 -5.61 -24.96 17.73
CA VAL C 151 -6.99 -24.64 18.09
C VAL C 151 -7.71 -25.89 18.55
N ALA C 152 -7.53 -26.98 17.81
CA ALA C 152 -8.23 -28.23 18.09
C ALA C 152 -7.94 -28.74 19.48
N GLN C 153 -6.70 -28.54 19.93
CA GLN C 153 -6.24 -29.11 21.20
C GLN C 153 -6.94 -28.50 22.41
N LYS C 154 -7.49 -27.30 22.23
CA LYS C 154 -8.16 -26.60 23.32
C LYS C 154 -9.67 -26.80 23.32
N LEU C 155 -10.18 -27.53 22.31
CA LEU C 155 -11.62 -27.70 22.14
C LEU C 155 -12.12 -29.08 22.54
N SER C 156 -13.33 -29.11 23.10
CA SER C 156 -14.08 -30.34 23.29
C SER C 156 -14.84 -30.66 22.00
N LYS C 157 -15.16 -31.94 21.81
CA LYS C 157 -15.79 -32.41 20.57
C LYS C 157 -17.08 -31.68 20.24
N GLU C 158 -17.89 -31.42 21.28
CA GLU C 158 -19.18 -30.75 21.14
C GLU C 158 -19.05 -29.37 20.48
N ALA C 159 -17.90 -28.73 20.68
CA ALA C 159 -17.75 -27.32 20.28
C ALA C 159 -17.63 -27.14 18.77
N TRP C 160 -17.36 -28.22 18.06
CA TRP C 160 -17.16 -28.12 16.61
C TRP C 160 -18.43 -27.70 15.88
N SER C 161 -19.58 -27.91 16.51
CA SER C 161 -20.82 -27.37 15.95
C SER C 161 -20.76 -25.84 15.76
N ARG C 162 -19.90 -25.17 16.51
CA ARG C 162 -19.84 -23.71 16.47
C ARG C 162 -18.55 -23.21 15.83
N VAL C 163 -17.81 -24.14 15.21
CA VAL C 163 -16.54 -23.80 14.59
C VAL C 163 -16.69 -23.70 13.07
N VAL C 164 -16.06 -22.69 12.49
CA VAL C 164 -15.98 -22.57 11.04
C VAL C 164 -14.52 -22.23 10.72
N ILE C 165 -13.96 -22.87 9.69
CA ILE C 165 -12.59 -22.55 9.27
C ILE C 165 -12.63 -21.65 8.04
N ALA C 166 -11.70 -20.70 7.95
CA ALA C 166 -11.54 -19.93 6.72
C ALA C 166 -10.09 -20.03 6.31
N TYR C 167 -9.84 -20.46 5.08
CA TYR C 167 -8.46 -20.55 4.60
C TYR C 167 -8.11 -19.29 3.85
N GLU C 168 -7.05 -18.60 4.29
CA GLU C 168 -6.55 -17.45 3.53
C GLU C 168 -5.25 -17.80 2.85
N PRO C 169 -5.25 -17.75 1.51
CA PRO C 169 -3.96 -17.98 0.84
C PRO C 169 -3.10 -16.73 0.99
N VAL C 170 -2.47 -16.56 2.15
CA VAL C 170 -1.63 -15.39 2.43
C VAL C 170 -0.52 -15.23 1.39
N TRP C 171 -0.13 -16.34 0.77
CA TRP C 171 0.91 -16.30 -0.25
C TRP C 171 0.44 -15.50 -1.47
N ALA C 172 -0.88 -15.36 -1.61
CA ALA C 172 -1.47 -14.68 -2.74
C ALA C 172 -2.00 -13.30 -2.39
N ILE C 173 -1.69 -12.81 -1.18
CA ILE C 173 -2.29 -11.57 -0.71
C ILE C 173 -1.54 -10.32 -1.15
N GLY C 174 -0.31 -10.15 -0.69
CA GLY C 174 0.44 -8.95 -1.02
C GLY C 174 1.69 -9.27 -1.82
N THR C 175 1.55 -10.18 -2.78
CA THR C 175 2.69 -10.69 -3.52
C THR C 175 2.52 -10.53 -5.02
N GLY C 176 1.28 -10.34 -5.46
CA GLY C 176 0.98 -10.29 -6.88
C GLY C 176 0.62 -11.64 -7.45
N LYS C 177 0.78 -12.69 -6.66
CA LYS C 177 0.37 -14.03 -7.07
C LYS C 177 -1.15 -14.19 -7.06
N VAL C 178 -1.67 -14.99 -7.97
CA VAL C 178 -3.11 -15.20 -8.06
C VAL C 178 -3.47 -16.65 -7.79
N ALA C 179 -4.40 -16.90 -6.88
CA ALA C 179 -4.78 -18.27 -6.56
C ALA C 179 -5.91 -18.78 -7.45
N THR C 180 -5.79 -20.05 -7.85
CA THR C 180 -6.84 -20.69 -8.63
C THR C 180 -7.79 -21.44 -7.71
N PRO C 181 -9.02 -21.66 -8.17
CA PRO C 181 -10.01 -22.44 -7.42
C PRO C 181 -9.47 -23.81 -7.06
N GLN C 182 -8.68 -24.40 -7.96
CA GLN C 182 -8.09 -25.71 -7.68
C GLN C 182 -7.11 -25.65 -6.51
N GLN C 183 -6.29 -24.60 -6.47
CA GLN C 183 -5.32 -24.44 -5.38
C GLN C 183 -6.01 -24.27 -4.04
N ALA C 184 -7.10 -23.52 -4.02
CA ALA C 184 -7.90 -23.36 -2.81
C ALA C 184 -8.50 -24.72 -2.44
N GLN C 185 -9.11 -25.37 -3.42
CA GLN C 185 -9.71 -26.69 -3.22
C GLN C 185 -8.74 -27.70 -2.59
N GLU C 186 -7.49 -27.67 -3.03
CA GLU C 186 -6.46 -28.55 -2.50
C GLU C 186 -6.23 -28.36 -1.00
N VAL C 187 -6.22 -27.11 -0.56
CA VAL C 187 -6.00 -26.83 0.86
C VAL C 187 -7.25 -27.16 1.67
N HIS C 188 -8.42 -26.78 1.17
CA HIS C 188 -9.64 -27.15 1.89
C HIS C 188 -9.72 -28.66 2.09
N GLU C 189 -9.29 -29.43 1.09
CA GLU C 189 -9.30 -30.89 1.16
C GLU C 189 -8.41 -31.43 2.27
N LEU C 190 -7.20 -30.89 2.37
CA LEU C 190 -6.23 -31.36 3.36
C LEU C 190 -6.66 -30.96 4.78
N LEU C 191 -7.24 -29.78 4.91
CA LEU C 191 -7.84 -29.37 6.18
C LEU C 191 -8.92 -30.36 6.59
N ARG C 192 -9.85 -30.63 5.69
CA ARG C 192 -10.98 -31.51 6.01
C ARG C 192 -10.54 -32.93 6.32
N ARG C 193 -9.51 -33.41 5.61
CA ARG C 193 -8.99 -34.74 5.86
C ARG C 193 -8.38 -34.83 7.25
N TRP C 194 -7.71 -33.77 7.68
CA TRP C 194 -7.10 -33.76 9.02
C TRP C 194 -8.17 -33.84 10.11
N VAL C 195 -9.21 -33.02 9.96
CA VAL C 195 -10.34 -33.04 10.88
C VAL C 195 -10.97 -34.43 10.94
N ARG C 196 -11.16 -35.05 9.77
CA ARG C 196 -11.76 -36.36 9.68
C ARG C 196 -10.93 -37.38 10.46
N SER C 197 -9.62 -37.33 10.28
CA SER C 197 -8.74 -38.27 10.95
C SER C 197 -8.71 -38.03 12.46
N LYS C 198 -8.93 -36.80 12.87
CA LYS C 198 -8.87 -36.46 14.30
C LYS C 198 -10.23 -36.59 15.00
N LEU C 199 -11.29 -36.21 14.30
CA LEU C 199 -12.61 -36.04 14.94
C LEU C 199 -13.76 -36.88 14.37
N GLY C 200 -13.56 -37.50 13.20
CA GLY C 200 -14.60 -38.36 12.64
C GLY C 200 -15.27 -37.86 11.38
N THR C 201 -15.91 -38.77 10.65
CA THR C 201 -16.53 -38.44 9.38
C THR C 201 -17.66 -37.44 9.57
N ASP C 202 -18.40 -37.63 10.66
CA ASP C 202 -19.50 -36.76 11.05
C ASP C 202 -19.10 -35.28 11.10
N ILE C 203 -18.19 -34.96 12.01
CA ILE C 203 -17.74 -33.59 12.22
C ILE C 203 -17.06 -33.03 10.97
N ALA C 204 -16.23 -33.85 10.32
CA ALA C 204 -15.56 -33.40 9.10
C ALA C 204 -16.53 -33.03 7.98
N ALA C 205 -17.61 -33.79 7.84
CA ALA C 205 -18.56 -33.55 6.75
C ALA C 205 -19.42 -32.32 6.99
N GLN C 206 -19.70 -32.04 8.25
CA GLN C 206 -20.58 -30.93 8.60
C GLN C 206 -19.81 -29.62 8.69
N LEU C 207 -18.49 -29.71 8.79
CA LEU C 207 -17.65 -28.53 9.00
C LEU C 207 -17.67 -27.60 7.78
N ARG C 208 -17.91 -26.32 8.01
CA ARG C 208 -17.81 -25.32 6.94
C ARG C 208 -16.37 -24.84 6.83
N ILE C 209 -15.80 -24.97 5.63
CA ILE C 209 -14.50 -24.38 5.35
C ILE C 209 -14.66 -23.32 4.27
N LEU C 210 -14.44 -22.07 4.65
CA LEU C 210 -14.69 -20.94 3.79
C LEU C 210 -13.42 -20.51 3.09
N TYR C 211 -13.55 -19.98 1.88
CA TYR C 211 -12.41 -19.46 1.17
C TYR C 211 -12.24 -17.98 1.47
N GLY C 212 -11.04 -17.61 1.90
CA GLY C 212 -10.77 -16.28 2.40
C GLY C 212 -9.77 -15.52 1.55
N GLY C 213 -9.55 -16.00 0.32
CA GLY C 213 -8.72 -15.28 -0.62
C GLY C 213 -9.52 -14.18 -1.31
N SER C 214 -9.05 -13.75 -2.49
CA SER C 214 -9.77 -12.74 -3.25
C SER C 214 -11.09 -13.28 -3.78
N VAL C 215 -12.19 -12.68 -3.36
CA VAL C 215 -13.51 -13.11 -3.79
C VAL C 215 -14.25 -11.93 -4.41
N THR C 216 -14.73 -12.13 -5.63
CA THR C 216 -15.46 -11.08 -6.34
C THR C 216 -16.72 -11.68 -6.98
N ALA C 217 -17.60 -10.82 -7.46
CA ALA C 217 -18.77 -11.29 -8.18
C ALA C 217 -18.34 -12.12 -9.38
N LYS C 218 -17.14 -11.85 -9.88
CA LYS C 218 -16.66 -12.52 -11.09
C LYS C 218 -16.24 -13.97 -10.83
N ASN C 219 -15.76 -14.26 -9.64
CA ASN C 219 -15.22 -15.59 -9.38
C ASN C 219 -15.95 -16.42 -8.34
N ALA C 220 -16.95 -15.83 -7.68
CA ALA C 220 -17.58 -16.50 -6.54
C ALA C 220 -18.20 -17.84 -6.88
N ARG C 221 -18.96 -17.89 -7.97
CA ARG C 221 -19.67 -19.11 -8.33
C ARG C 221 -18.70 -20.26 -8.63
N THR C 222 -17.61 -19.91 -9.30
CA THR C 222 -16.55 -20.88 -9.63
C THR C 222 -15.90 -21.48 -8.39
N LEU C 223 -15.55 -20.63 -7.43
CA LEU C 223 -15.00 -21.10 -6.17
C LEU C 223 -15.98 -21.98 -5.43
N TYR C 224 -17.25 -21.57 -5.40
CA TYR C 224 -18.23 -22.32 -4.62
C TYR C 224 -18.48 -23.71 -5.22
N GLN C 225 -18.26 -23.84 -6.51
CA GLN C 225 -18.45 -25.12 -7.19
C GLN C 225 -17.49 -26.19 -6.68
N MET C 226 -16.37 -25.78 -6.11
CA MET C 226 -15.39 -26.75 -5.60
C MET C 226 -16.01 -27.56 -4.46
N ARG C 227 -15.69 -28.86 -4.42
CA ARG C 227 -16.36 -29.79 -3.50
C ARG C 227 -16.11 -29.51 -2.00
N ASP C 228 -14.99 -28.88 -1.66
CA ASP C 228 -14.68 -28.67 -0.24
C ASP C 228 -14.73 -27.20 0.20
N ILE C 229 -15.29 -26.35 -0.66
CA ILE C 229 -15.49 -24.94 -0.32
C ILE C 229 -16.93 -24.67 0.11
N ASN C 230 -17.12 -24.11 1.30
CA ASN C 230 -18.47 -23.94 1.82
C ASN C 230 -18.92 -22.50 1.93
N GLY C 231 -18.27 -21.60 1.18
CA GLY C 231 -18.61 -20.20 1.24
C GLY C 231 -17.40 -19.31 1.31
N PHE C 232 -17.61 -18.07 1.76
CA PHE C 232 -16.56 -17.08 1.63
C PHE C 232 -16.39 -16.19 2.86
N LEU C 233 -15.15 -15.80 3.11
CA LEU C 233 -14.87 -14.67 3.98
C LEU C 233 -14.34 -13.57 3.04
N VAL C 234 -15.20 -12.62 2.71
CA VAL C 234 -14.93 -11.65 1.65
C VAL C 234 -14.38 -10.34 2.17
N GLY C 235 -13.38 -9.81 1.48
CA GLY C 235 -12.84 -8.50 1.81
C GLY C 235 -13.48 -7.35 1.05
N GLY C 236 -12.69 -6.69 0.21
CA GLY C 236 -13.10 -5.48 -0.49
C GLY C 236 -14.48 -5.46 -1.12
N ALA C 237 -14.85 -6.54 -1.79
CA ALA C 237 -16.14 -6.61 -2.46
C ALA C 237 -17.33 -6.54 -1.50
N SER C 238 -17.06 -6.80 -0.22
CA SER C 238 -18.15 -6.89 0.75
C SER C 238 -18.61 -5.51 1.19
N LEU C 239 -17.86 -4.49 0.77
CA LEU C 239 -18.25 -3.10 1.03
C LEU C 239 -19.01 -2.54 -0.16
N LYS C 240 -19.33 -3.40 -1.14
CA LYS C 240 -19.98 -2.97 -2.37
C LYS C 240 -21.31 -3.69 -2.58
N PRO C 241 -22.20 -3.12 -3.41
CA PRO C 241 -23.48 -3.78 -3.67
C PRO C 241 -23.23 -5.15 -4.29
N GLU C 242 -22.00 -5.32 -4.78
CA GLU C 242 -21.51 -6.55 -5.36
C GLU C 242 -21.68 -7.75 -4.42
N PHE C 243 -21.77 -7.47 -3.13
CA PHE C 243 -21.83 -8.56 -2.15
C PHE C 243 -23.09 -9.40 -2.33
N VAL C 244 -24.14 -8.78 -2.85
CA VAL C 244 -25.41 -9.46 -3.08
C VAL C 244 -25.26 -10.57 -4.10
N GLU C 245 -24.50 -10.28 -5.15
CA GLU C 245 -24.23 -11.29 -6.16
C GLU C 245 -23.37 -12.42 -5.60
N ILE C 246 -22.49 -12.08 -4.66
CA ILE C 246 -21.65 -13.09 -4.02
C ILE C 246 -22.49 -14.02 -3.15
N ILE C 247 -23.48 -13.46 -2.45
CA ILE C 247 -24.43 -14.26 -1.70
C ILE C 247 -25.18 -15.24 -2.61
N GLU C 248 -25.55 -14.79 -3.82
CA GLU C 248 -26.31 -15.63 -4.73
C GLU C 248 -25.46 -16.80 -5.24
N ALA C 249 -24.14 -16.64 -5.21
CA ALA C 249 -23.21 -17.65 -5.71
C ALA C 249 -23.10 -18.87 -4.80
N THR C 250 -23.75 -18.80 -3.64
CA THR C 250 -23.76 -19.93 -2.72
C THR C 250 -25.02 -20.77 -2.89
N LYS C 251 -25.77 -20.50 -3.95
CA LYS C 251 -26.96 -21.29 -4.26
C LYS C 251 -26.60 -22.67 -4.81
N SER D 3 -0.89 29.76 36.65
CA SER D 3 0.44 29.18 36.48
C SER D 3 0.35 27.75 35.94
N LYS D 4 -0.37 26.88 36.65
CA LYS D 4 -0.72 25.60 36.05
C LYS D 4 -1.76 25.85 34.96
N PRO D 5 -1.66 25.09 33.86
CA PRO D 5 -2.66 25.19 32.79
C PRO D 5 -3.92 24.44 33.21
N GLN D 6 -4.91 24.39 32.34
CA GLN D 6 -6.17 23.73 32.67
C GLN D 6 -5.92 22.25 32.97
N PRO D 7 -6.40 21.77 34.14
CA PRO D 7 -6.21 20.36 34.46
C PRO D 7 -7.12 19.44 33.67
N ILE D 8 -6.78 18.14 33.64
CA ILE D 8 -7.60 17.13 32.97
C ILE D 8 -7.82 15.98 33.93
N ALA D 9 -9.07 15.53 34.04
CA ALA D 9 -9.38 14.32 34.77
C ALA D 9 -9.92 13.32 33.76
N ALA D 10 -9.14 12.27 33.49
CA ALA D 10 -9.46 11.33 32.42
C ALA D 10 -9.74 9.92 32.95
N ALA D 11 -10.82 9.31 32.45
CA ALA D 11 -11.22 7.97 32.89
C ALA D 11 -10.89 6.97 31.80
N ASN D 12 -9.98 6.05 32.10
CA ASN D 12 -9.65 4.99 31.14
C ASN D 12 -10.36 3.72 31.56
N TRP D 13 -11.48 3.42 30.90
CA TRP D 13 -12.28 2.26 31.30
C TRP D 13 -11.66 0.93 30.88
N LYS D 14 -10.58 1.00 30.10
CA LYS D 14 -9.88 -0.18 29.62
C LYS D 14 -10.88 -1.17 29.03
N CYS D 15 -10.61 -2.46 29.15
CA CYS D 15 -11.49 -3.43 28.51
C CYS D 15 -12.56 -3.87 29.50
N ASN D 16 -13.47 -2.96 29.83
CA ASN D 16 -14.52 -3.23 30.81
C ASN D 16 -15.82 -2.54 30.48
N GLY D 17 -16.91 -3.09 31.02
CA GLY D 17 -18.18 -2.40 30.97
C GLY D 17 -19.27 -3.24 30.33
N SER D 18 -20.49 -3.08 30.83
CA SER D 18 -21.66 -3.62 30.16
C SER D 18 -22.52 -2.42 29.83
N GLN D 19 -23.49 -2.62 28.95
CA GLN D 19 -24.40 -1.54 28.62
C GLN D 19 -25.01 -0.99 29.90
N GLN D 20 -25.38 -1.88 30.82
CA GLN D 20 -26.01 -1.47 32.07
C GLN D 20 -25.05 -0.70 32.97
N SER D 21 -23.88 -1.27 33.21
CA SER D 21 -22.95 -0.65 34.15
C SER D 21 -22.45 0.69 33.65
N LEU D 22 -22.29 0.81 32.33
CA LEU D 22 -21.80 2.07 31.79
C LEU D 22 -22.90 3.12 31.79
N SER D 23 -24.14 2.69 31.58
CA SER D 23 -25.26 3.63 31.59
C SER D 23 -25.37 4.26 32.96
N GLU D 24 -25.12 3.48 34.01
CA GLU D 24 -25.17 3.97 35.39
C GLU D 24 -24.08 4.99 35.68
N LEU D 25 -22.88 4.78 35.14
CA LEU D 25 -21.79 5.74 35.32
C LEU D 25 -22.07 7.03 34.56
N ILE D 26 -22.57 6.90 33.34
CA ILE D 26 -22.86 8.07 32.51
C ILE D 26 -23.95 8.92 33.19
N ASP D 27 -24.95 8.26 33.75
CA ASP D 27 -25.99 8.96 34.51
C ASP D 27 -25.37 9.73 35.68
N LEU D 28 -24.43 9.10 36.39
CA LEU D 28 -23.71 9.80 37.45
C LEU D 28 -22.99 11.05 36.91
N PHE D 29 -22.30 10.89 35.80
CA PHE D 29 -21.57 12.01 35.21
C PHE D 29 -22.52 13.14 34.83
N ASN D 30 -23.66 12.79 34.24
CA ASN D 30 -24.62 13.80 33.82
C ASN D 30 -25.21 14.57 35.00
N SER D 31 -25.28 13.93 36.17
CA SER D 31 -25.91 14.54 37.33
C SER D 31 -24.91 15.13 38.33
N THR D 32 -23.63 15.14 37.95
CA THR D 32 -22.58 15.70 38.80
C THR D 32 -22.27 17.15 38.42
N SER D 33 -22.37 18.03 39.41
CA SER D 33 -22.09 19.44 39.19
C SER D 33 -20.59 19.70 39.24
N ILE D 34 -20.05 20.20 38.13
CA ILE D 34 -18.63 20.50 38.08
C ILE D 34 -18.46 21.99 37.87
N ASN D 35 -17.97 22.66 38.91
CA ASN D 35 -18.00 24.11 38.96
C ASN D 35 -16.72 24.79 38.50
N HIS D 36 -15.59 24.10 38.62
CA HIS D 36 -14.30 24.67 38.26
C HIS D 36 -13.88 24.31 36.83
N ASP D 37 -12.83 24.97 36.34
CA ASP D 37 -12.33 24.77 34.99
C ASP D 37 -11.46 23.52 34.94
N VAL D 38 -12.05 22.42 34.48
CA VAL D 38 -11.33 21.17 34.31
C VAL D 38 -11.87 20.51 33.06
N GLN D 39 -10.99 19.90 32.27
CA GLN D 39 -11.42 19.12 31.14
C GLN D 39 -11.53 17.66 31.56
N CYS D 40 -12.75 17.13 31.53
CA CYS D 40 -12.95 15.73 31.86
C CYS D 40 -12.95 14.91 30.58
N VAL D 41 -12.44 13.69 30.66
CA VAL D 41 -12.37 12.84 29.49
C VAL D 41 -12.74 11.43 29.90
N VAL D 42 -13.54 10.77 29.07
CA VAL D 42 -13.88 9.38 29.32
C VAL D 42 -13.51 8.55 28.09
N ALA D 43 -12.82 7.44 28.30
CA ALA D 43 -12.37 6.59 27.20
C ALA D 43 -12.97 5.18 27.29
N PRO D 44 -14.10 4.96 26.62
CA PRO D 44 -14.75 3.64 26.61
C PRO D 44 -14.14 2.74 25.55
N THR D 45 -14.46 1.45 25.57
CA THR D 45 -14.02 0.57 24.48
C THR D 45 -14.66 1.08 23.19
N PHE D 46 -14.13 0.66 22.04
CA PHE D 46 -14.71 1.12 20.78
C PHE D 46 -16.19 0.76 20.71
N LEU D 47 -16.54 -0.41 21.21
CA LEU D 47 -17.92 -0.91 21.14
C LEU D 47 -18.88 -0.03 21.94
N HIS D 48 -18.36 0.61 22.97
CA HIS D 48 -19.20 1.40 23.86
C HIS D 48 -19.16 2.88 23.52
N ILE D 49 -18.32 3.29 22.58
CA ILE D 49 -18.30 4.69 22.21
C ILE D 49 -19.65 5.22 21.71
N PRO D 50 -20.32 4.49 20.80
CA PRO D 50 -21.64 5.01 20.36
C PRO D 50 -22.65 5.23 21.48
N MET D 51 -22.80 4.28 22.40
CA MET D 51 -23.77 4.46 23.47
C MET D 51 -23.33 5.59 24.42
N THR D 52 -22.02 5.77 24.58
CA THR D 52 -21.54 6.85 25.42
C THR D 52 -21.79 8.22 24.78
N LYS D 53 -21.51 8.32 23.47
CA LYS D 53 -21.77 9.55 22.74
C LYS D 53 -23.27 9.86 22.75
N ALA D 54 -24.09 8.81 22.72
CA ALA D 54 -25.55 8.97 22.67
C ALA D 54 -26.15 9.46 23.99
N ARG D 55 -25.44 9.18 25.08
CA ARG D 55 -25.98 9.41 26.43
C ARG D 55 -25.30 10.52 27.23
N LEU D 56 -24.01 10.75 26.98
CA LEU D 56 -23.26 11.72 27.76
C LEU D 56 -23.68 13.15 27.45
N THR D 57 -24.05 13.91 28.47
CA THR D 57 -24.48 15.30 28.25
C THR D 57 -23.75 16.35 29.09
N ASN D 58 -22.96 15.93 30.06
CA ASN D 58 -22.17 16.86 30.86
C ASN D 58 -21.17 17.59 29.98
N PRO D 59 -21.32 18.92 29.86
CA PRO D 59 -20.50 19.67 28.90
C PRO D 59 -19.02 19.72 29.22
N LYS D 60 -18.62 19.35 30.44
CA LYS D 60 -17.21 19.37 30.81
C LYS D 60 -16.48 18.12 30.35
N PHE D 61 -17.21 17.16 29.80
CA PHE D 61 -16.64 15.88 29.34
C PHE D 61 -16.41 15.81 27.83
N GLN D 62 -15.27 15.22 27.46
CA GLN D 62 -15.01 14.79 26.09
C GLN D 62 -14.86 13.26 26.07
N ILE D 63 -15.20 12.65 24.94
CA ILE D 63 -15.04 11.21 24.78
C ILE D 63 -13.75 10.89 24.00
N ALA D 64 -12.98 9.94 24.52
CA ALA D 64 -11.73 9.54 23.86
C ALA D 64 -11.79 8.08 23.43
N ALA D 65 -11.08 7.74 22.35
CA ALA D 65 -10.78 6.33 22.06
C ALA D 65 -9.54 5.89 22.84
N GLN D 66 -9.44 4.60 23.12
CA GLN D 66 -8.32 4.05 23.87
C GLN D 66 -7.12 3.70 23.00
N ASN D 67 -7.30 3.82 21.69
CA ASN D 67 -6.27 3.48 20.70
C ASN D 67 -6.82 3.85 19.34
N ALA D 68 -5.94 3.88 18.34
CA ALA D 68 -6.35 4.04 16.95
C ALA D 68 -5.18 3.66 16.05
N ILE D 69 -5.45 3.33 14.80
CA ILE D 69 -4.36 3.18 13.84
C ILE D 69 -4.41 4.35 12.86
N THR D 70 -3.36 4.52 12.08
CA THR D 70 -3.21 5.77 11.31
C THR D 70 -4.11 5.91 10.09
N ARG D 71 -4.35 4.82 9.37
CA ARG D 71 -5.18 4.88 8.18
C ARG D 71 -6.21 3.75 8.11
N SER D 72 -7.35 4.06 7.52
CA SER D 72 -8.33 3.03 7.19
C SER D 72 -7.75 2.12 6.13
N GLY D 73 -8.23 0.89 6.09
CA GLY D 73 -7.70 -0.08 5.15
C GLY D 73 -7.74 -1.50 5.68
N ALA D 74 -6.81 -2.32 5.22
CA ALA D 74 -6.85 -3.76 5.46
C ALA D 74 -6.18 -4.12 6.79
N PHE D 75 -6.83 -3.71 7.88
CA PHE D 75 -6.34 -3.90 9.23
C PHE D 75 -7.46 -4.48 10.09
N THR D 76 -7.73 -5.76 9.85
CA THR D 76 -8.85 -6.44 10.48
C THR D 76 -8.73 -6.33 11.98
N GLY D 77 -9.83 -5.92 12.61
CA GLY D 77 -9.90 -5.81 14.06
C GLY D 77 -9.63 -4.41 14.57
N GLU D 78 -9.07 -3.55 13.73
CA GLU D 78 -8.63 -2.23 14.19
C GLU D 78 -9.60 -1.10 13.82
N VAL D 79 -9.43 0.05 14.48
CA VAL D 79 -10.24 1.23 14.21
C VAL D 79 -9.30 2.39 13.89
N SER D 80 -9.55 3.09 12.80
CA SER D 80 -8.65 4.16 12.35
C SER D 80 -9.05 5.54 12.86
N LEU D 81 -8.12 6.47 12.82
CA LEU D 81 -8.43 7.87 13.15
C LEU D 81 -9.60 8.40 12.32
N GLN D 82 -9.62 8.04 11.04
CA GLN D 82 -10.62 8.57 10.10
C GLN D 82 -12.02 8.12 10.48
N ILE D 83 -12.13 6.87 10.91
CA ILE D 83 -13.40 6.31 11.36
C ILE D 83 -13.89 6.97 12.65
N LEU D 84 -12.96 7.18 13.59
CA LEU D 84 -13.30 7.89 14.81
C LEU D 84 -13.77 9.31 14.50
N LYS D 85 -13.05 10.00 13.62
CA LYS D 85 -13.39 11.38 13.27
C LYS D 85 -14.79 11.48 12.66
N ASP D 86 -15.11 10.52 11.79
CA ASP D 86 -16.44 10.44 11.18
C ASP D 86 -17.53 10.27 12.23
N TYR D 87 -17.21 9.61 13.34
CA TYR D 87 -18.20 9.41 14.40
C TYR D 87 -18.21 10.58 15.38
N GLY D 88 -17.31 11.53 15.18
CA GLY D 88 -17.26 12.75 15.96
C GLY D 88 -16.39 12.65 17.20
N ILE D 89 -15.45 11.72 17.18
CA ILE D 89 -14.53 11.57 18.31
C ILE D 89 -13.25 12.33 18.00
N SER D 90 -12.81 13.17 18.93
CA SER D 90 -11.64 14.00 18.67
C SER D 90 -10.59 13.95 19.78
N TRP D 91 -10.72 12.97 20.67
CA TRP D 91 -9.66 12.67 21.64
C TRP D 91 -9.25 11.21 21.51
N VAL D 92 -7.99 10.91 21.79
CA VAL D 92 -7.48 9.55 21.69
C VAL D 92 -6.29 9.34 22.61
N VAL D 93 -6.27 8.17 23.26
CA VAL D 93 -5.18 7.77 24.13
C VAL D 93 -4.24 6.89 23.33
N LEU D 94 -2.94 7.20 23.33
CA LEU D 94 -2.01 6.42 22.52
C LEU D 94 -0.78 6.04 23.34
N GLY D 95 -0.29 4.83 23.10
CA GLY D 95 0.93 4.38 23.73
C GLY D 95 0.74 3.89 25.15
N HIS D 96 -0.49 3.50 25.50
CA HIS D 96 -0.71 2.99 26.84
C HIS D 96 0.25 1.86 27.16
N SER D 97 0.63 1.77 28.42
CA SER D 97 1.63 0.79 28.80
C SER D 97 1.18 -0.65 28.44
N GLU D 98 -0.11 -0.88 28.49
CA GLU D 98 -0.60 -2.23 28.18
C GLU D 98 -0.41 -2.58 26.72
N ARG D 99 -0.46 -1.57 25.85
CA ARG D 99 -0.33 -1.80 24.42
C ARG D 99 1.13 -1.92 24.04
N ARG D 100 1.98 -1.14 24.68
CA ARG D 100 3.41 -1.27 24.47
C ARG D 100 3.86 -2.67 24.89
N ALA D 101 3.23 -3.21 25.92
CA ALA D 101 3.62 -4.51 26.46
C ALA D 101 2.99 -5.71 25.76
N TYR D 102 1.70 -5.61 25.40
CA TYR D 102 0.96 -6.76 24.88
C TYR D 102 0.79 -6.78 23.37
N TYR D 103 0.79 -5.61 22.74
CA TYR D 103 0.35 -5.54 21.36
C TYR D 103 1.36 -4.89 20.42
N GLY D 104 2.64 -5.09 20.74
CA GLY D 104 3.72 -4.72 19.87
C GLY D 104 3.89 -3.24 19.54
N GLU D 105 3.40 -2.36 20.41
CA GLU D 105 3.57 -0.93 20.14
C GLU D 105 4.93 -0.40 20.57
N THR D 106 5.84 -0.29 19.60
CA THR D 106 7.17 0.23 19.84
C THR D 106 7.15 1.76 19.93
N ASN D 107 8.26 2.36 20.33
CA ASN D 107 8.32 3.81 20.45
C ASN D 107 7.97 4.47 19.13
N GLU D 108 8.44 3.88 18.04
CA GLU D 108 8.25 4.45 16.70
C GLU D 108 6.81 4.28 16.20
N ILE D 109 6.21 3.14 16.50
CA ILE D 109 4.81 2.90 16.21
C ILE D 109 3.92 3.91 16.94
N VAL D 110 4.16 4.10 18.23
CA VAL D 110 3.41 5.11 18.98
C VAL D 110 3.62 6.50 18.36
N ALA D 111 4.86 6.84 18.04
CA ALA D 111 5.15 8.16 17.50
C ALA D 111 4.40 8.42 16.20
N ASP D 112 4.32 7.39 15.34
CA ASP D 112 3.60 7.53 14.07
C ASP D 112 2.12 7.78 14.31
N LYS D 113 1.53 7.04 15.26
CA LYS D 113 0.12 7.23 15.59
C LYS D 113 -0.15 8.64 16.11
N VAL D 114 0.72 9.12 17.01
CA VAL D 114 0.54 10.43 17.59
C VAL D 114 0.62 11.51 16.52
N ALA D 115 1.60 11.40 15.62
CA ALA D 115 1.75 12.38 14.55
C ALA D 115 0.50 12.40 13.67
N ALA D 116 -0.01 11.21 13.34
CA ALA D 116 -1.21 11.14 12.50
C ALA D 116 -2.42 11.72 13.22
N ALA D 117 -2.55 11.42 14.50
CA ALA D 117 -3.67 11.93 15.28
C ALA D 117 -3.68 13.45 15.32
N VAL D 118 -2.52 14.06 15.60
CA VAL D 118 -2.44 15.51 15.64
C VAL D 118 -2.79 16.10 14.28
N ALA D 119 -2.36 15.43 13.21
CA ALA D 119 -2.61 15.89 11.85
C ALA D 119 -4.10 15.86 11.49
N SER D 120 -4.82 14.94 12.14
CA SER D 120 -6.26 14.78 11.94
C SER D 120 -7.09 15.62 12.90
N GLY D 121 -6.44 16.47 13.70
CA GLY D 121 -7.14 17.40 14.58
C GLY D 121 -7.42 16.91 16.00
N PHE D 122 -6.97 15.70 16.32
CA PHE D 122 -7.20 15.12 17.63
C PHE D 122 -6.40 15.79 18.75
N HIS D 123 -6.96 15.79 19.95
CA HIS D 123 -6.16 15.93 21.16
C HIS D 123 -5.70 14.53 21.52
N VAL D 124 -4.42 14.39 21.83
CA VAL D 124 -3.83 13.09 22.10
C VAL D 124 -3.28 13.00 23.51
N ILE D 125 -3.71 11.99 24.26
CA ILE D 125 -3.06 11.70 25.53
C ILE D 125 -2.00 10.64 25.26
N VAL D 126 -0.73 11.07 25.27
CA VAL D 126 0.41 10.20 24.97
C VAL D 126 0.98 9.61 26.27
N CYS D 127 0.99 8.29 26.38
CA CYS D 127 1.42 7.62 27.62
C CYS D 127 2.88 7.21 27.55
N VAL D 128 3.61 7.43 28.65
CA VAL D 128 4.98 6.96 28.79
C VAL D 128 5.11 6.34 30.16
N GLY D 129 6.14 5.54 30.38
CA GLY D 129 6.35 4.96 31.69
C GLY D 129 7.29 3.78 31.68
N GLU D 130 7.94 3.53 32.80
CA GLU D 130 8.97 2.53 32.85
C GLU D 130 8.58 1.35 33.73
N THR D 131 9.11 0.17 33.41
CA THR D 131 8.81 -1.03 34.16
C THR D 131 9.64 -1.12 35.43
N ASN D 132 9.30 -2.08 36.28
CA ASN D 132 10.08 -2.30 37.48
C ASN D 132 11.51 -2.64 37.13
N GLU D 133 11.69 -3.48 36.11
CA GLU D 133 13.02 -3.86 35.64
C GLU D 133 13.83 -2.64 35.21
N GLU D 134 13.19 -1.72 34.49
CA GLU D 134 13.89 -0.51 34.04
C GLU D 134 14.21 0.41 35.20
N ARG D 135 13.30 0.53 36.15
CA ARG D 135 13.54 1.38 37.32
C ARG D 135 14.66 0.84 38.20
N GLU D 136 14.67 -0.48 38.41
CA GLU D 136 15.70 -1.09 39.25
C GLU D 136 17.08 -0.87 38.62
N ALA D 137 17.12 -0.83 37.30
CA ALA D 137 18.35 -0.61 36.56
C ALA D 137 18.77 0.85 36.53
N GLY D 138 18.00 1.71 37.18
CA GLY D 138 18.27 3.13 37.19
C GLY D 138 18.04 3.79 35.84
N ARG D 139 17.10 3.27 35.07
CA ARG D 139 16.89 3.75 33.71
C ARG D 139 15.54 4.44 33.52
N THR D 140 14.98 4.95 34.61
CA THR D 140 13.71 5.69 34.53
C THR D 140 13.78 6.81 33.52
N ALA D 141 14.74 7.72 33.68
CA ALA D 141 14.86 8.86 32.78
C ALA D 141 15.15 8.42 31.35
N ALA D 142 16.08 7.49 31.20
CA ALA D 142 16.41 6.95 29.89
C ALA D 142 15.19 6.41 29.16
N VAL D 143 14.41 5.57 29.82
CA VAL D 143 13.25 4.98 29.17
C VAL D 143 12.17 6.00 28.80
N VAL D 144 11.73 6.80 29.77
CA VAL D 144 10.61 7.70 29.51
C VAL D 144 10.98 8.83 28.54
N LEU D 145 12.22 9.33 28.61
CA LEU D 145 12.61 10.40 27.69
C LEU D 145 12.88 9.87 26.29
N THR D 146 13.31 8.61 26.19
CA THR D 146 13.44 7.98 24.90
C THR D 146 12.07 7.77 24.26
N GLN D 147 11.10 7.33 25.06
CA GLN D 147 9.72 7.25 24.60
C GLN D 147 9.22 8.60 24.11
N LEU D 148 9.46 9.63 24.90
CA LEU D 148 8.97 10.96 24.56
C LEU D 148 9.75 11.53 23.36
N ALA D 149 11.06 11.28 23.31
CA ALA D 149 11.87 11.76 22.18
C ALA D 149 11.38 11.19 20.85
N ALA D 150 10.95 9.93 20.85
CA ALA D 150 10.49 9.30 19.61
C ALA D 150 9.26 10.02 19.09
N VAL D 151 8.38 10.40 20.00
CA VAL D 151 7.19 11.15 19.66
C VAL D 151 7.57 12.53 19.12
N ALA D 152 8.44 13.22 19.86
CA ALA D 152 8.85 14.58 19.50
C ALA D 152 9.41 14.64 18.10
N GLN D 153 10.18 13.62 17.73
CA GLN D 153 10.86 13.58 16.44
C GLN D 153 9.89 13.63 15.26
N LYS D 154 8.66 13.17 15.48
CA LYS D 154 7.62 13.18 14.44
C LYS D 154 6.69 14.39 14.46
N LEU D 155 6.84 15.25 15.46
CA LEU D 155 5.94 16.41 15.62
C LEU D 155 6.59 17.75 15.30
N SER D 156 5.80 18.65 14.72
CA SER D 156 6.21 20.04 14.60
C SER D 156 5.74 20.77 15.87
N LYS D 157 6.22 21.99 16.08
CA LYS D 157 5.95 22.69 17.34
C LYS D 157 4.48 23.06 17.60
N GLU D 158 3.72 23.36 16.54
CA GLU D 158 2.32 23.74 16.69
C GLU D 158 1.47 22.58 17.19
N ALA D 159 1.96 21.36 16.96
CA ALA D 159 1.24 20.16 17.38
C ALA D 159 1.09 20.08 18.88
N TRP D 160 2.03 20.65 19.62
CA TRP D 160 2.07 20.47 21.07
C TRP D 160 0.86 21.05 21.81
N SER D 161 0.19 22.02 21.21
CA SER D 161 -1.03 22.57 21.81
C SER D 161 -2.08 21.49 22.03
N ARG D 162 -2.02 20.43 21.21
CA ARG D 162 -3.02 19.36 21.32
C ARG D 162 -2.45 18.06 21.87
N VAL D 163 -1.25 18.14 22.42
CA VAL D 163 -0.62 16.98 23.04
C VAL D 163 -0.72 17.09 24.56
N VAL D 164 -1.07 15.97 25.20
CA VAL D 164 -1.05 15.80 26.64
C VAL D 164 -0.18 14.58 26.94
N ILE D 165 0.65 14.64 27.98
CA ILE D 165 1.44 13.47 28.35
C ILE D 165 0.82 12.86 29.60
N ALA D 166 0.80 11.53 29.66
CA ALA D 166 0.42 10.82 30.88
C ALA D 166 1.56 9.91 31.30
N TYR D 167 1.97 10.00 32.57
CA TYR D 167 3.03 9.15 33.08
C TYR D 167 2.44 7.98 33.86
N GLU D 168 2.78 6.76 33.43
CA GLU D 168 2.36 5.53 34.12
C GLU D 168 3.53 4.91 34.86
N PRO D 169 3.50 4.98 36.20
CA PRO D 169 4.53 4.30 36.98
C PRO D 169 4.26 2.80 37.03
N VAL D 170 4.55 2.11 35.92
CA VAL D 170 4.30 0.68 35.75
C VAL D 170 5.03 -0.13 36.80
N TRP D 171 6.18 0.38 37.22
CA TRP D 171 7.00 -0.25 38.25
C TRP D 171 6.29 -0.44 39.58
N ALA D 172 5.19 0.30 39.79
CA ALA D 172 4.46 0.25 41.05
C ALA D 172 3.25 -0.69 40.98
N ILE D 173 3.10 -1.35 39.84
CA ILE D 173 1.95 -2.25 39.67
C ILE D 173 2.33 -3.70 39.93
N GLY D 174 1.77 -4.30 40.99
CA GLY D 174 1.97 -5.71 41.26
C GLY D 174 3.34 -6.10 41.77
N THR D 175 4.10 -5.09 42.21
CA THR D 175 5.49 -5.30 42.59
C THR D 175 5.69 -5.17 44.10
N GLY D 176 4.69 -4.63 44.79
CA GLY D 176 4.83 -4.36 46.21
C GLY D 176 5.34 -2.94 46.49
N LYS D 177 5.79 -2.25 45.45
CA LYS D 177 6.26 -0.88 45.58
C LYS D 177 5.08 0.09 45.51
N VAL D 178 5.12 1.14 46.32
CA VAL D 178 4.05 2.14 46.29
C VAL D 178 4.65 3.49 45.95
N ALA D 179 4.15 4.10 44.87
CA ALA D 179 4.65 5.40 44.46
C ALA D 179 4.14 6.48 45.42
N THR D 180 5.05 7.33 45.90
CA THR D 180 4.65 8.50 46.67
C THR D 180 4.41 9.65 45.71
N PRO D 181 3.69 10.69 46.18
CA PRO D 181 3.50 11.88 45.34
C PRO D 181 4.84 12.50 44.97
N GLN D 182 5.84 12.35 45.85
CA GLN D 182 7.18 12.87 45.55
C GLN D 182 7.83 12.10 44.40
N GLN D 183 7.66 10.79 44.39
CA GLN D 183 8.19 9.98 43.29
C GLN D 183 7.52 10.35 41.98
N ALA D 184 6.23 10.68 42.05
CA ALA D 184 5.49 11.08 40.86
C ALA D 184 6.01 12.43 40.36
N GLN D 185 6.10 13.39 41.27
CA GLN D 185 6.60 14.71 40.92
C GLN D 185 8.00 14.64 40.32
N GLU D 186 8.84 13.73 40.83
CA GLU D 186 10.20 13.59 40.32
C GLU D 186 10.19 13.31 38.81
N VAL D 187 9.31 12.41 38.40
CA VAL D 187 9.25 12.07 36.99
C VAL D 187 8.56 13.14 36.17
N HIS D 188 7.49 13.69 36.70
CA HIS D 188 6.79 14.76 36.00
C HIS D 188 7.73 15.93 35.75
N GLU D 189 8.55 16.26 36.74
CA GLU D 189 9.52 17.35 36.61
C GLU D 189 10.55 17.02 35.51
N LEU D 190 11.03 15.79 35.51
CA LEU D 190 12.04 15.44 34.50
C LEU D 190 11.42 15.47 33.10
N LEU D 191 10.16 15.05 32.99
CA LEU D 191 9.46 15.17 31.71
C LEU D 191 9.33 16.63 31.26
N ARG D 192 8.92 17.51 32.18
CA ARG D 192 8.70 18.89 31.76
C ARG D 192 10.02 19.56 31.46
N ARG D 193 11.06 19.21 32.22
CA ARG D 193 12.41 19.72 31.98
C ARG D 193 12.91 19.38 30.57
N TRP D 194 12.65 18.15 30.14
CA TRP D 194 12.99 17.71 28.79
C TRP D 194 12.23 18.54 27.76
N VAL D 195 10.92 18.69 27.97
CA VAL D 195 10.13 19.47 27.03
C VAL D 195 10.64 20.90 26.93
N ARG D 196 10.92 21.51 28.09
CA ARG D 196 11.43 22.88 28.09
C ARG D 196 12.74 22.98 27.31
N SER D 197 13.61 21.98 27.48
CA SER D 197 14.93 22.00 26.84
C SER D 197 14.80 21.86 25.32
N LYS D 198 13.84 21.07 24.88
CA LYS D 198 13.70 20.79 23.45
C LYS D 198 12.81 21.81 22.74
N LEU D 199 11.79 22.30 23.44
CA LEU D 199 10.74 23.13 22.82
C LEU D 199 10.54 24.53 23.39
N GLY D 200 11.13 24.79 24.55
CA GLY D 200 11.09 26.12 25.12
C GLY D 200 10.08 26.34 26.23
N THR D 201 10.11 27.53 26.83
CA THR D 201 9.33 27.81 28.03
C THR D 201 7.83 27.85 27.81
N ASP D 202 7.41 28.40 26.67
CA ASP D 202 5.99 28.53 26.37
C ASP D 202 5.33 27.14 26.31
N ILE D 203 5.90 26.25 25.50
CA ILE D 203 5.28 24.95 25.30
C ILE D 203 5.33 24.12 26.58
N ALA D 204 6.44 24.19 27.28
CA ALA D 204 6.60 23.44 28.53
C ALA D 204 5.57 23.87 29.56
N ALA D 205 5.29 25.17 29.61
CA ALA D 205 4.40 25.71 30.63
C ALA D 205 2.96 25.33 30.36
N GLN D 206 2.60 25.24 29.08
CA GLN D 206 1.20 25.00 28.71
C GLN D 206 0.86 23.51 28.68
N LEU D 207 1.89 22.67 28.63
CA LEU D 207 1.71 21.24 28.50
C LEU D 207 1.06 20.63 29.74
N ARG D 208 0.00 19.85 29.54
CA ARG D 208 -0.54 19.06 30.66
C ARG D 208 0.20 17.72 30.76
N ILE D 209 0.72 17.42 31.94
CA ILE D 209 1.32 16.11 32.21
C ILE D 209 0.51 15.46 33.31
N LEU D 210 -0.15 14.35 32.97
CA LEU D 210 -1.09 13.70 33.87
C LEU D 210 -0.45 12.53 34.59
N TYR D 211 -0.84 12.36 35.84
CA TYR D 211 -0.37 11.21 36.61
C TYR D 211 -1.28 10.04 36.33
N GLY D 212 -0.69 8.91 35.97
CA GLY D 212 -1.46 7.74 35.61
C GLY D 212 -1.20 6.53 36.48
N GLY D 213 -0.76 6.78 37.71
CA GLY D 213 -0.58 5.73 38.69
C GLY D 213 -1.87 5.48 39.44
N SER D 214 -1.76 4.96 40.66
CA SER D 214 -2.92 4.69 41.48
C SER D 214 -3.50 5.99 42.02
N VAL D 215 -4.71 6.34 41.59
CA VAL D 215 -5.38 7.56 42.01
C VAL D 215 -6.70 7.22 42.70
N THR D 216 -6.88 7.78 43.90
CA THR D 216 -8.05 7.50 44.71
C THR D 216 -8.68 8.81 45.18
N ALA D 217 -9.91 8.74 45.69
CA ALA D 217 -10.54 9.89 46.31
C ALA D 217 -9.67 10.42 47.43
N LYS D 218 -8.91 9.53 48.06
CA LYS D 218 -8.15 9.84 49.25
C LYS D 218 -6.84 10.57 48.94
N ASN D 219 -6.21 10.21 47.82
CA ASN D 219 -4.89 10.74 47.50
C ASN D 219 -4.87 11.74 46.34
N ALA D 220 -6.01 11.93 45.70
CA ALA D 220 -6.07 12.81 44.52
C ALA D 220 -5.63 14.24 44.82
N ARG D 221 -6.12 14.83 45.91
CA ARG D 221 -5.77 16.21 46.18
C ARG D 221 -4.28 16.35 46.48
N THR D 222 -3.74 15.41 47.25
CA THR D 222 -2.32 15.42 47.57
C THR D 222 -1.42 15.31 46.33
N LEU D 223 -1.78 14.42 45.41
CA LEU D 223 -1.07 14.36 44.13
C LEU D 223 -1.16 15.65 43.34
N TYR D 224 -2.35 16.25 43.30
CA TYR D 224 -2.54 17.45 42.52
C TYR D 224 -1.73 18.62 43.11
N GLN D 225 -1.38 18.53 44.39
CA GLN D 225 -0.49 19.50 45.05
C GLN D 225 0.87 19.62 44.36
N MET D 226 1.31 18.57 43.67
CA MET D 226 2.67 18.59 43.12
C MET D 226 2.77 19.54 41.93
N ARG D 227 3.89 20.25 41.84
CA ARG D 227 4.05 21.34 40.87
C ARG D 227 3.79 20.96 39.41
N ASP D 228 4.20 19.75 39.02
CA ASP D 228 4.22 19.37 37.60
C ASP D 228 3.18 18.31 37.27
N ILE D 229 2.21 18.14 38.16
CA ILE D 229 1.10 17.24 37.92
C ILE D 229 -0.15 18.05 37.55
N ASN D 230 -0.73 17.78 36.38
CA ASN D 230 -1.85 18.57 35.88
C ASN D 230 -3.16 17.80 35.79
N GLY D 231 -3.29 16.77 36.60
CA GLY D 231 -4.47 15.93 36.53
C GLY D 231 -4.09 14.46 36.43
N PHE D 232 -5.03 13.66 35.95
CA PHE D 232 -4.96 12.22 36.13
C PHE D 232 -5.44 11.46 34.91
N LEU D 233 -4.79 10.33 34.67
CA LEU D 233 -5.32 9.30 33.78
C LEU D 233 -5.66 8.13 34.70
N VAL D 234 -6.94 7.98 35.00
CA VAL D 234 -7.41 7.08 36.06
C VAL D 234 -7.82 5.70 35.54
N GLY D 235 -7.32 4.65 36.19
CA GLY D 235 -7.66 3.29 35.83
C GLY D 235 -8.93 2.81 36.51
N GLY D 236 -8.79 1.79 37.36
CA GLY D 236 -9.94 1.13 37.96
C GLY D 236 -10.98 2.02 38.63
N ALA D 237 -10.53 3.07 39.32
CA ALA D 237 -11.45 3.96 40.02
C ALA D 237 -12.36 4.70 39.06
N SER D 238 -11.98 4.75 37.79
CA SER D 238 -12.75 5.47 36.79
C SER D 238 -14.04 4.71 36.42
N LEU D 239 -14.09 3.43 36.80
CA LEU D 239 -15.30 2.62 36.65
C LEU D 239 -16.21 2.67 37.89
N LYS D 240 -15.89 3.54 38.83
CA LYS D 240 -16.64 3.65 40.08
C LYS D 240 -17.15 5.07 40.31
N PRO D 241 -18.18 5.23 41.15
CA PRO D 241 -18.62 6.57 41.53
C PRO D 241 -17.49 7.45 42.10
N GLU D 242 -16.43 6.80 42.59
CA GLU D 242 -15.29 7.49 43.15
C GLU D 242 -14.66 8.48 42.18
N PHE D 243 -14.84 8.24 40.88
CA PHE D 243 -14.21 9.09 39.89
C PHE D 243 -14.65 10.55 40.02
N VAL D 244 -15.90 10.78 40.38
CA VAL D 244 -16.35 12.16 40.49
C VAL D 244 -15.71 12.86 41.69
N GLU D 245 -15.35 12.08 42.71
CA GLU D 245 -14.59 12.60 43.84
C GLU D 245 -13.18 12.98 43.41
N ILE D 246 -12.60 12.19 42.49
CA ILE D 246 -11.28 12.54 41.95
C ILE D 246 -11.33 13.83 41.12
N ILE D 247 -12.39 14.01 40.33
CA ILE D 247 -12.56 15.24 39.57
C ILE D 247 -12.57 16.46 40.51
N GLU D 248 -13.29 16.32 41.60
CA GLU D 248 -13.37 17.41 42.58
C GLU D 248 -12.00 17.75 43.17
N ALA D 249 -11.05 16.81 43.06
CA ALA D 249 -9.69 17.00 43.57
C ALA D 249 -8.78 17.82 42.66
N THR D 250 -9.24 18.15 41.46
CA THR D 250 -8.51 19.04 40.55
C THR D 250 -8.86 20.50 40.81
#